data_2RO5
#
_entry.id   2RO5
#
_entity_poly.entity_id   1
_entity_poly.type   'polypeptide(L)'
_entity_poly.pdbx_seq_one_letter_code
;MKATGIVRRIDDLGRVVIPKEIRRTLRIREGDPLEIFVDRDGEVILKKYSPISEL
;
_entity_poly.pdbx_strand_id   A,B
#
# COMPACT_ATOMS: atom_id res chain seq x y z
N MET A 1 1.42 -2.25 -15.37
CA MET A 1 1.50 -0.89 -14.77
C MET A 1 0.22 -0.55 -14.03
N LYS A 2 -0.92 -0.69 -14.70
CA LYS A 2 -2.22 -0.32 -14.15
C LYS A 2 -2.23 1.15 -13.75
N ALA A 3 -1.91 1.36 -12.50
CA ALA A 3 -1.69 2.67 -11.91
C ALA A 3 -2.98 3.49 -11.76
N THR A 4 -3.19 3.95 -10.54
CA THR A 4 -4.27 4.87 -10.24
C THR A 4 -3.69 6.24 -9.90
N GLY A 5 -2.70 6.24 -9.03
CA GLY A 5 -1.96 7.45 -8.75
C GLY A 5 -2.69 8.39 -7.82
N ILE A 6 -3.14 7.86 -6.69
CA ILE A 6 -3.71 8.69 -5.66
C ILE A 6 -2.75 8.79 -4.49
N VAL A 7 -2.13 9.94 -4.33
CA VAL A 7 -1.18 10.15 -3.25
C VAL A 7 -1.92 10.40 -1.94
N ARG A 8 -1.47 9.73 -0.88
CA ARG A 8 -2.07 9.81 0.42
C ARG A 8 -0.94 10.07 1.41
N ARG A 9 -1.04 11.15 2.17
CA ARG A 9 -0.10 11.40 3.24
C ARG A 9 -0.55 10.63 4.45
N ILE A 10 0.13 9.49 4.71
CA ILE A 10 -0.21 8.53 5.79
C ILE A 10 -1.27 9.03 6.78
N ASP A 11 -0.81 9.46 7.96
CA ASP A 11 -1.63 10.05 9.00
C ASP A 11 -0.87 10.01 10.29
N ASP A 12 -1.55 10.23 11.39
CA ASP A 12 -0.90 10.28 12.69
C ASP A 12 -0.65 8.88 13.25
N LEU A 13 -0.76 7.88 12.39
CA LEU A 13 -0.46 6.50 12.78
C LEU A 13 0.49 5.86 11.78
N GLY A 14 0.11 5.88 10.51
CA GLY A 14 0.94 5.28 9.48
C GLY A 14 0.15 4.45 8.49
N ARG A 15 -1.18 4.49 8.57
CA ARG A 15 -1.98 3.74 7.62
C ARG A 15 -2.03 4.46 6.31
N VAL A 16 -2.28 3.72 5.26
CA VAL A 16 -2.61 4.34 4.03
C VAL A 16 -4.05 4.02 3.72
N VAL A 17 -4.84 5.05 3.71
CA VAL A 17 -6.26 4.88 3.56
C VAL A 17 -6.56 4.51 2.12
N ILE A 18 -6.73 3.21 1.89
CA ILE A 18 -7.03 2.70 0.56
C ILE A 18 -8.53 2.80 0.30
N PRO A 19 -8.93 3.74 -0.56
CA PRO A 19 -10.30 3.89 -0.98
C PRO A 19 -10.92 2.57 -1.41
N LYS A 20 -12.19 2.41 -1.11
CA LYS A 20 -12.89 1.19 -1.44
C LYS A 20 -12.93 0.99 -2.93
N GLU A 21 -12.63 2.03 -3.71
CA GLU A 21 -12.63 1.95 -5.15
C GLU A 21 -11.57 0.98 -5.68
N ILE A 22 -10.51 0.73 -4.91
CA ILE A 22 -9.47 -0.17 -5.36
C ILE A 22 -9.85 -1.58 -4.96
N ARG A 23 -10.31 -1.72 -3.72
CA ARG A 23 -10.85 -2.98 -3.22
C ARG A 23 -12.11 -3.34 -4.01
N ARG A 24 -12.75 -2.32 -4.53
CA ARG A 24 -13.88 -2.46 -5.44
C ARG A 24 -13.44 -3.12 -6.74
N THR A 25 -12.35 -2.63 -7.36
CA THR A 25 -11.76 -3.33 -8.49
C THR A 25 -11.24 -4.70 -8.06
N LEU A 26 -10.88 -4.84 -6.80
CA LEU A 26 -10.52 -6.12 -6.21
C LEU A 26 -11.75 -7.03 -6.09
N ARG A 27 -12.93 -6.40 -6.06
CA ARG A 27 -14.20 -7.09 -5.83
C ARG A 27 -14.29 -7.62 -4.41
N ILE A 28 -13.53 -7.01 -3.51
CA ILE A 28 -13.46 -7.46 -2.13
C ILE A 28 -14.07 -6.40 -1.20
N ARG A 29 -13.73 -6.43 0.08
CA ARG A 29 -14.43 -5.62 1.08
C ARG A 29 -13.58 -5.42 2.34
N GLU A 30 -14.24 -5.08 3.45
CA GLU A 30 -13.59 -4.89 4.76
C GLU A 30 -13.10 -6.20 5.37
N GLY A 31 -12.70 -7.09 4.49
CA GLY A 31 -12.07 -8.32 4.91
C GLY A 31 -11.06 -8.77 3.87
N ASP A 32 -10.60 -7.80 3.10
CA ASP A 32 -9.56 -8.03 2.10
C ASP A 32 -8.19 -7.99 2.76
N PRO A 33 -7.44 -9.06 2.64
CA PRO A 33 -6.10 -9.11 3.15
C PRO A 33 -5.13 -8.55 2.13
N LEU A 34 -4.06 -7.97 2.60
CA LEU A 34 -3.04 -7.50 1.70
C LEU A 34 -1.68 -7.79 2.28
N GLU A 35 -0.75 -7.98 1.41
CA GLU A 35 0.60 -8.28 1.78
C GLU A 35 1.41 -7.03 1.60
N ILE A 36 1.83 -6.45 2.70
CA ILE A 36 2.59 -5.24 2.67
C ILE A 36 4.06 -5.57 2.48
N PHE A 37 4.56 -5.31 1.29
CA PHE A 37 5.95 -5.54 1.01
C PHE A 37 6.44 -4.53 -0.01
N VAL A 38 7.52 -3.86 0.31
CA VAL A 38 8.06 -2.83 -0.56
C VAL A 38 8.87 -3.48 -1.67
N ASP A 39 8.78 -2.91 -2.85
CA ASP A 39 9.43 -3.48 -4.03
C ASP A 39 10.86 -2.99 -4.18
N ARG A 40 11.04 -1.70 -3.96
CA ARG A 40 12.29 -1.06 -4.34
C ARG A 40 12.79 -0.07 -3.28
N ASP A 41 12.39 1.19 -3.40
CA ASP A 41 12.85 2.21 -2.46
C ASP A 41 11.80 2.50 -1.42
N GLY A 42 10.74 3.16 -1.83
CA GLY A 42 9.68 3.52 -0.91
C GLY A 42 8.31 3.20 -1.46
N GLU A 43 8.26 2.26 -2.38
CA GLU A 43 6.99 1.80 -2.93
C GLU A 43 6.58 0.54 -2.23
N VAL A 44 5.55 0.64 -1.42
CA VAL A 44 5.03 -0.52 -0.71
C VAL A 44 3.97 -1.18 -1.55
N ILE A 45 4.05 -2.48 -1.63
CA ILE A 45 3.15 -3.24 -2.45
C ILE A 45 2.21 -4.00 -1.53
N LEU A 46 0.92 -3.78 -1.70
CA LEU A 46 -0.11 -4.46 -0.92
C LEU A 46 -0.81 -5.49 -1.80
N LYS A 47 -0.69 -6.73 -1.40
CA LYS A 47 -1.15 -7.85 -2.21
C LYS A 47 -2.24 -8.66 -1.50
N LYS A 48 -3.35 -8.88 -2.19
CA LYS A 48 -4.60 -9.48 -1.62
C LYS A 48 -4.43 -10.71 -0.73
N TYR A 49 -3.27 -11.34 -0.77
CA TYR A 49 -2.91 -12.41 0.16
C TYR A 49 -3.64 -13.73 -0.13
N SER A 50 -4.97 -13.66 -0.16
CA SER A 50 -5.82 -14.83 -0.31
C SER A 50 -5.47 -15.66 -1.56
N PRO A 51 -5.19 -15.02 -2.72
CA PRO A 51 -4.61 -15.69 -3.87
C PRO A 51 -3.13 -15.38 -4.01
N ILE A 52 -2.57 -14.85 -2.94
CA ILE A 52 -1.24 -14.27 -2.97
C ILE A 52 -1.19 -13.22 -4.06
N SER A 53 -0.23 -13.28 -4.94
CA SER A 53 -0.13 -12.31 -6.01
C SER A 53 -0.50 -12.90 -7.35
N GLU A 54 -0.89 -14.17 -7.33
CA GLU A 54 -1.11 -14.92 -8.58
C GLU A 54 -1.43 -16.38 -8.32
N LEU A 55 -0.80 -16.95 -7.29
CA LEU A 55 -0.87 -18.39 -7.00
C LEU A 55 -0.15 -19.19 -8.09
N MET B 1 12.73 -6.07 -5.64
CA MET B 1 12.11 -7.14 -4.84
C MET B 1 11.88 -6.68 -3.41
N LYS B 2 12.97 -6.48 -2.66
CA LYS B 2 12.91 -6.12 -1.24
C LYS B 2 12.07 -7.10 -0.46
N ALA B 3 10.81 -6.74 -0.31
CA ALA B 3 9.77 -7.56 0.29
C ALA B 3 9.90 -7.66 1.81
N THR B 4 8.80 -7.35 2.47
CA THR B 4 8.67 -7.56 3.89
C THR B 4 7.66 -8.68 4.15
N GLY B 5 6.52 -8.58 3.50
CA GLY B 5 5.55 -9.65 3.53
C GLY B 5 4.74 -9.68 4.80
N ILE B 6 4.17 -8.55 5.16
CA ILE B 6 3.27 -8.49 6.29
C ILE B 6 1.84 -8.32 5.78
N VAL B 7 1.05 -9.38 5.87
CA VAL B 7 -0.32 -9.32 5.43
C VAL B 7 -1.19 -8.62 6.47
N ARG B 8 -2.05 -7.72 5.99
CA ARG B 8 -2.92 -6.95 6.82
C ARG B 8 -4.31 -7.01 6.19
N ARG B 9 -5.30 -7.46 6.93
CA ARG B 9 -6.67 -7.41 6.48
C ARG B 9 -7.21 -6.03 6.73
N ILE B 10 -7.31 -5.25 5.65
CA ILE B 10 -7.73 -3.83 5.66
C ILE B 10 -8.30 -3.36 7.01
N ASP B 11 -9.63 -3.28 7.08
CA ASP B 11 -10.36 -2.93 8.29
C ASP B 11 -11.75 -2.51 7.89
N ASP B 12 -12.51 -1.96 8.82
CA ASP B 12 -13.89 -1.57 8.56
C ASP B 12 -13.96 -0.25 7.79
N LEU B 13 -12.81 0.22 7.35
CA LEU B 13 -12.74 1.37 6.46
C LEU B 13 -12.08 0.96 5.14
N GLY B 14 -10.81 0.53 5.23
CA GLY B 14 -10.10 0.14 4.02
C GLY B 14 -8.66 0.64 4.00
N ARG B 15 -8.15 1.07 5.14
CA ARG B 15 -6.76 1.50 5.20
C ARG B 15 -5.86 0.31 5.33
N VAL B 16 -4.66 0.49 4.88
CA VAL B 16 -3.67 -0.50 5.12
C VAL B 16 -2.73 0.07 6.16
N VAL B 17 -2.83 -0.47 7.34
CA VAL B 17 -2.08 0.04 8.44
C VAL B 17 -0.61 -0.27 8.25
N ILE B 18 0.11 0.69 7.71
CA ILE B 18 1.52 0.53 7.42
C ILE B 18 2.36 0.82 8.65
N PRO B 19 2.94 -0.21 9.25
CA PRO B 19 3.86 -0.07 10.38
C PRO B 19 4.91 0.99 10.13
N LYS B 20 5.23 1.71 11.18
CA LYS B 20 6.25 2.74 11.13
C LYS B 20 7.60 2.18 10.72
N GLU B 21 7.75 0.87 10.78
CA GLU B 21 9.02 0.23 10.42
C GLU B 21 9.34 0.43 8.94
N ILE B 22 8.32 0.64 8.11
CA ILE B 22 8.55 0.78 6.68
C ILE B 22 8.84 2.24 6.40
N ARG B 23 8.03 3.10 7.02
CA ARG B 23 8.23 4.54 6.95
C ARG B 23 9.55 4.92 7.61
N ARG B 24 9.98 4.08 8.54
CA ARG B 24 11.31 4.22 9.14
C ARG B 24 12.39 3.97 8.11
N THR B 25 12.30 2.87 7.36
CA THR B 25 13.25 2.63 6.28
C THR B 25 13.10 3.71 5.20
N LEU B 26 11.94 4.35 5.18
CA LEU B 26 11.68 5.50 4.32
C LEU B 26 12.40 6.74 4.85
N ARG B 27 12.74 6.72 6.14
CA ARG B 27 13.32 7.88 6.84
C ARG B 27 12.29 9.00 6.97
N ILE B 28 11.02 8.63 7.00
CA ILE B 28 9.94 9.61 7.04
C ILE B 28 9.08 9.40 8.30
N ARG B 29 7.87 9.97 8.31
CA ARG B 29 7.06 10.02 9.53
C ARG B 29 5.58 10.20 9.19
N GLU B 30 4.79 10.71 10.16
CA GLU B 30 3.36 10.97 9.97
C GLU B 30 3.08 12.13 9.01
N GLY B 31 3.97 12.29 8.06
CA GLY B 31 3.75 13.25 7.00
C GLY B 31 4.35 12.74 5.72
N ASP B 32 4.44 11.41 5.64
CA ASP B 32 4.91 10.73 4.45
C ASP B 32 3.79 10.58 3.45
N PRO B 33 3.98 11.12 2.26
CA PRO B 33 3.06 10.93 1.19
C PRO B 33 3.32 9.63 0.49
N LEU B 34 2.28 9.01 -0.01
CA LEU B 34 2.46 7.82 -0.82
C LEU B 34 1.54 7.88 -2.00
N GLU B 35 1.97 7.29 -3.07
CA GLU B 35 1.17 7.25 -4.26
C GLU B 35 0.56 5.89 -4.33
N ILE B 36 -0.75 5.83 -4.16
CA ILE B 36 -1.48 4.58 -4.21
C ILE B 36 -1.82 4.25 -5.65
N PHE B 37 -1.14 3.26 -6.19
CA PHE B 37 -1.42 2.81 -7.54
C PHE B 37 -1.11 1.33 -7.65
N VAL B 38 -2.06 0.57 -8.15
CA VAL B 38 -1.89 -0.87 -8.26
C VAL B 38 -1.06 -1.22 -9.49
N ASP B 39 -0.27 -2.27 -9.37
CA ASP B 39 0.67 -2.68 -10.42
C ASP B 39 -0.04 -3.51 -11.47
N ARG B 40 -0.81 -4.50 -11.03
CA ARG B 40 -1.45 -5.41 -11.97
C ARG B 40 -2.84 -5.86 -11.51
N ASP B 41 -2.89 -6.82 -10.59
CA ASP B 41 -4.14 -7.45 -10.22
C ASP B 41 -4.74 -6.83 -8.96
N GLY B 42 -4.03 -7.01 -7.86
CA GLY B 42 -4.52 -6.51 -6.59
C GLY B 42 -3.38 -6.06 -5.72
N GLU B 43 -2.22 -5.85 -6.33
CA GLU B 43 -1.07 -5.35 -5.62
C GLU B 43 -1.02 -3.84 -5.72
N VAL B 44 -1.33 -3.17 -4.61
CA VAL B 44 -1.32 -1.73 -4.60
C VAL B 44 0.06 -1.23 -4.24
N ILE B 45 0.57 -0.30 -4.99
CA ILE B 45 1.89 0.22 -4.76
C ILE B 45 1.75 1.62 -4.19
N LEU B 46 2.28 1.82 -3.00
CA LEU B 46 2.28 3.12 -2.35
C LEU B 46 3.68 3.68 -2.32
N LYS B 47 3.91 4.80 -2.98
CA LYS B 47 5.26 5.34 -3.02
C LYS B 47 5.33 6.81 -2.61
N LYS B 48 6.41 7.12 -1.88
CA LYS B 48 6.61 8.37 -1.10
C LYS B 48 6.20 9.71 -1.74
N TYR B 49 5.94 9.73 -3.04
CA TYR B 49 5.39 10.92 -3.72
C TYR B 49 6.40 12.06 -3.87
N SER B 50 6.98 12.49 -2.75
CA SER B 50 7.89 13.63 -2.71
C SER B 50 9.00 13.49 -3.76
N PRO B 51 9.79 12.40 -3.73
CA PRO B 51 10.74 12.10 -4.79
C PRO B 51 10.09 11.25 -5.88
N ILE B 52 8.77 11.18 -5.82
CA ILE B 52 8.00 10.31 -6.67
C ILE B 52 8.52 8.89 -6.50
N SER B 53 8.73 8.19 -7.59
CA SER B 53 9.25 6.84 -7.50
C SER B 53 10.79 6.87 -7.44
N GLU B 54 11.38 7.68 -8.29
CA GLU B 54 12.85 7.78 -8.35
C GLU B 54 13.29 9.09 -9.02
N LEU B 55 12.38 10.07 -9.07
CA LEU B 55 12.60 11.30 -9.84
C LEU B 55 13.04 10.96 -11.26
N MET A 1 -3.14 -0.35 -17.96
CA MET A 1 -4.24 -1.22 -17.47
C MET A 1 -4.66 -0.79 -16.07
N LYS A 2 -3.69 -0.49 -15.22
CA LYS A 2 -3.95 -0.04 -13.88
C LYS A 2 -3.18 1.23 -13.58
N ALA A 3 -2.67 1.33 -12.36
CA ALA A 3 -2.01 2.54 -11.87
C ALA A 3 -2.99 3.69 -11.72
N THR A 4 -3.37 3.94 -10.48
CA THR A 4 -4.34 4.96 -10.17
C THR A 4 -3.67 6.31 -9.87
N GLY A 5 -2.69 6.27 -8.98
CA GLY A 5 -1.93 7.47 -8.68
C GLY A 5 -2.64 8.42 -7.73
N ILE A 6 -3.12 7.87 -6.63
CA ILE A 6 -3.70 8.69 -5.57
C ILE A 6 -2.75 8.74 -4.40
N VAL A 7 -2.20 9.91 -4.12
CA VAL A 7 -1.25 10.07 -3.04
C VAL A 7 -1.98 10.26 -1.70
N ARG A 8 -1.51 9.56 -0.67
CA ARG A 8 -2.08 9.62 0.65
C ARG A 8 -0.94 9.90 1.63
N ARG A 9 -1.05 10.96 2.42
CA ARG A 9 -0.08 11.20 3.48
C ARG A 9 -0.51 10.41 4.69
N ILE A 10 0.22 9.31 4.94
CA ILE A 10 -0.06 8.35 6.04
C ILE A 10 -1.07 8.84 7.08
N ASP A 11 -0.57 9.24 8.26
CA ASP A 11 -1.38 9.80 9.34
C ASP A 11 -0.58 9.71 10.62
N ASP A 12 -1.25 9.77 11.76
CA ASP A 12 -0.58 9.73 13.05
C ASP A 12 -0.06 8.32 13.35
N LEU A 13 -0.67 7.33 12.71
CA LEU A 13 -0.26 5.94 12.88
C LEU A 13 0.65 5.52 11.73
N GLY A 14 0.13 5.58 10.51
CA GLY A 14 0.93 5.18 9.37
C GLY A 14 0.17 4.32 8.37
N ARG A 15 -1.16 4.35 8.42
CA ARG A 15 -1.92 3.54 7.48
C ARG A 15 -1.98 4.24 6.15
N VAL A 16 -2.13 3.47 5.11
CA VAL A 16 -2.37 4.01 3.80
C VAL A 16 -3.82 3.83 3.48
N VAL A 17 -4.57 4.90 3.65
CA VAL A 17 -6.01 4.83 3.51
C VAL A 17 -6.39 4.56 2.07
N ILE A 18 -6.68 3.31 1.77
CA ILE A 18 -7.02 2.90 0.43
C ILE A 18 -8.53 2.94 0.23
N PRO A 19 -8.99 3.86 -0.65
CA PRO A 19 -10.39 3.94 -1.05
C PRO A 19 -10.99 2.59 -1.38
N LYS A 20 -12.26 2.44 -1.07
CA LYS A 20 -12.98 1.21 -1.34
C LYS A 20 -13.00 0.90 -2.83
N GLU A 21 -12.70 1.88 -3.67
CA GLU A 21 -12.73 1.70 -5.12
C GLU A 21 -11.66 0.72 -5.58
N ILE A 22 -10.63 0.51 -4.76
CA ILE A 22 -9.58 -0.41 -5.14
C ILE A 22 -9.98 -1.80 -4.69
N ARG A 23 -10.37 -1.90 -3.43
CA ARG A 23 -10.96 -3.13 -2.87
C ARG A 23 -12.19 -3.54 -3.69
N ARG A 24 -12.88 -2.55 -4.22
CA ARG A 24 -13.99 -2.76 -5.13
C ARG A 24 -13.54 -3.44 -6.40
N THR A 25 -12.52 -2.90 -7.06
CA THR A 25 -11.95 -3.53 -8.25
C THR A 25 -11.27 -4.86 -7.88
N LEU A 26 -10.90 -4.98 -6.62
CA LEU A 26 -10.35 -6.22 -6.08
C LEU A 26 -11.42 -7.31 -6.08
N ARG A 27 -12.70 -6.89 -6.15
CA ARG A 27 -13.85 -7.76 -6.01
C ARG A 27 -14.01 -8.21 -4.56
N ILE A 28 -13.43 -7.43 -3.65
CA ILE A 28 -13.38 -7.78 -2.25
C ILE A 28 -14.04 -6.69 -1.40
N ARG A 29 -13.78 -6.68 -0.10
CA ARG A 29 -14.55 -5.84 0.83
C ARG A 29 -13.73 -5.49 2.06
N GLU A 30 -14.41 -5.08 3.13
CA GLU A 30 -13.78 -4.71 4.40
C GLU A 30 -13.28 -5.94 5.15
N GLY A 31 -12.80 -6.89 4.38
CA GLY A 31 -12.18 -8.07 4.90
C GLY A 31 -11.18 -8.61 3.90
N ASP A 32 -10.70 -7.69 3.07
CA ASP A 32 -9.66 -7.99 2.09
C ASP A 32 -8.29 -7.91 2.75
N PRO A 33 -7.52 -8.97 2.66
CA PRO A 33 -6.16 -8.97 3.13
C PRO A 33 -5.24 -8.38 2.09
N LEU A 34 -4.15 -7.81 2.53
CA LEU A 34 -3.14 -7.38 1.60
C LEU A 34 -1.78 -7.67 2.20
N GLU A 35 -0.83 -7.86 1.32
CA GLU A 35 0.51 -8.17 1.72
C GLU A 35 1.34 -6.95 1.51
N ILE A 36 1.78 -6.36 2.60
CA ILE A 36 2.57 -5.16 2.57
C ILE A 36 4.02 -5.55 2.38
N PHE A 37 4.55 -5.26 1.22
CA PHE A 37 5.95 -5.50 0.97
C PHE A 37 6.47 -4.49 -0.05
N VAL A 38 7.51 -3.78 0.32
CA VAL A 38 8.07 -2.75 -0.56
C VAL A 38 8.97 -3.38 -1.60
N ASP A 39 8.82 -2.91 -2.83
CA ASP A 39 9.53 -3.46 -3.97
C ASP A 39 10.98 -3.00 -3.97
N ARG A 40 11.18 -1.72 -3.71
CA ARG A 40 12.46 -1.09 -3.97
C ARG A 40 12.94 -0.26 -2.80
N ASP A 41 12.30 0.89 -2.62
CA ASP A 41 12.73 1.86 -1.64
C ASP A 41 11.59 2.29 -0.76
N GLY A 42 10.63 2.95 -1.39
CA GLY A 42 9.54 3.54 -0.66
C GLY A 42 8.21 3.20 -1.28
N GLU A 43 8.25 2.34 -2.27
CA GLU A 43 7.05 1.85 -2.89
C GLU A 43 6.62 0.55 -2.24
N VAL A 44 5.58 0.63 -1.44
CA VAL A 44 5.05 -0.53 -0.78
C VAL A 44 4.02 -1.21 -1.65
N ILE A 45 4.13 -2.50 -1.78
CA ILE A 45 3.25 -3.27 -2.62
C ILE A 45 2.36 -4.11 -1.75
N LEU A 46 1.07 -3.84 -1.79
CA LEU A 46 0.09 -4.56 -0.98
C LEU A 46 -0.75 -5.45 -1.87
N LYS A 47 -0.69 -6.77 -1.68
CA LYS A 47 -1.52 -7.64 -2.52
C LYS A 47 -2.45 -8.52 -1.69
N LYS A 48 -3.59 -8.86 -2.29
CA LYS A 48 -4.75 -9.49 -1.61
C LYS A 48 -4.45 -10.66 -0.65
N TYR A 49 -3.26 -11.24 -0.73
CA TYR A 49 -2.83 -12.28 0.22
C TYR A 49 -3.50 -13.62 -0.02
N SER A 50 -4.83 -13.61 -0.14
CA SER A 50 -5.61 -14.83 -0.32
C SER A 50 -5.02 -15.72 -1.43
N PRO A 51 -4.77 -15.16 -2.63
CA PRO A 51 -4.06 -15.86 -3.69
C PRO A 51 -2.57 -15.54 -3.68
N ILE A 52 -2.15 -14.89 -2.61
CA ILE A 52 -0.81 -14.31 -2.51
C ILE A 52 -0.51 -13.52 -3.75
N SER A 53 0.71 -13.59 -4.22
CA SER A 53 1.08 -12.98 -5.46
C SER A 53 1.23 -14.05 -6.53
N GLU A 54 0.08 -14.53 -7.01
CA GLU A 54 0.00 -15.63 -7.98
C GLU A 54 0.34 -16.96 -7.31
N LEU A 55 -0.66 -17.80 -7.16
CA LEU A 55 -0.47 -19.14 -6.61
C LEU A 55 0.10 -20.07 -7.67
N MET B 1 16.47 -7.13 -2.14
CA MET B 1 16.86 -6.29 -0.99
C MET B 1 15.68 -6.11 -0.03
N LYS B 2 14.56 -5.66 -0.56
CA LYS B 2 13.38 -5.42 0.25
C LYS B 2 12.41 -6.58 0.21
N ALA B 3 11.12 -6.25 0.19
CA ALA B 3 10.03 -7.21 0.38
C ALA B 3 9.96 -7.66 1.83
N THR B 4 8.85 -7.33 2.48
CA THR B 4 8.67 -7.64 3.88
C THR B 4 7.67 -8.77 4.07
N GLY B 5 6.50 -8.62 3.47
CA GLY B 5 5.49 -9.66 3.53
C GLY B 5 4.69 -9.62 4.81
N ILE B 6 4.17 -8.45 5.14
CA ILE B 6 3.26 -8.32 6.27
C ILE B 6 1.83 -8.11 5.75
N VAL B 7 1.00 -9.13 5.90
CA VAL B 7 -0.37 -9.04 5.45
C VAL B 7 -1.24 -8.29 6.46
N ARG B 8 -2.09 -7.40 5.96
CA ARG B 8 -3.01 -6.64 6.78
C ARG B 8 -4.39 -6.74 6.14
N ARG B 9 -5.38 -7.13 6.91
CA ARG B 9 -6.75 -7.14 6.43
C ARG B 9 -7.34 -5.75 6.67
N ILE B 10 -7.44 -4.97 5.57
CA ILE B 10 -7.93 -3.57 5.56
C ILE B 10 -8.59 -3.12 6.87
N ASP B 11 -9.92 -2.98 6.86
CA ASP B 11 -10.71 -2.61 8.03
C ASP B 11 -12.08 -2.16 7.56
N ASP B 12 -12.84 -1.52 8.43
CA ASP B 12 -14.18 -1.05 8.12
C ASP B 12 -14.14 0.06 7.06
N LEU B 13 -12.98 0.67 6.93
CA LEU B 13 -12.77 1.76 5.99
C LEU B 13 -12.04 1.26 4.73
N GLY B 14 -10.81 0.77 4.91
CA GLY B 14 -10.04 0.30 3.78
C GLY B 14 -8.58 0.73 3.88
N ARG B 15 -8.15 1.09 5.08
CA ARG B 15 -6.77 1.46 5.30
C ARG B 15 -5.87 0.25 5.17
N VAL B 16 -4.67 0.49 4.71
CA VAL B 16 -3.64 -0.50 4.81
C VAL B 16 -2.66 -0.04 5.87
N VAL B 17 -2.84 -0.56 7.07
CA VAL B 17 -2.10 -0.08 8.22
C VAL B 17 -0.64 -0.42 8.07
N ILE B 18 0.13 0.55 7.63
CA ILE B 18 1.55 0.39 7.43
C ILE B 18 2.32 0.76 8.70
N PRO B 19 2.95 -0.24 9.31
CA PRO B 19 3.83 -0.04 10.46
C PRO B 19 4.86 1.06 10.22
N LYS B 20 5.21 1.77 11.28
CA LYS B 20 6.15 2.86 11.21
C LYS B 20 7.54 2.37 10.81
N GLU B 21 7.78 1.07 10.92
CA GLU B 21 9.06 0.49 10.51
C GLU B 21 9.33 0.68 9.02
N ILE B 22 8.28 0.89 8.24
CA ILE B 22 8.45 1.04 6.81
C ILE B 22 8.73 2.51 6.51
N ARG B 23 7.92 3.38 7.10
CA ARG B 23 8.12 4.82 7.04
C ARG B 23 9.46 5.18 7.68
N ARG B 24 9.86 4.35 8.63
CA ARG B 24 11.14 4.46 9.27
C ARG B 24 12.27 4.19 8.28
N THR B 25 12.20 3.06 7.57
CA THR B 25 13.20 2.78 6.55
C THR B 25 13.12 3.82 5.43
N LEU B 26 11.92 4.35 5.25
CA LEU B 26 11.68 5.45 4.32
C LEU B 26 12.44 6.70 4.76
N ARG B 27 12.81 6.74 6.05
CA ARG B 27 13.49 7.89 6.65
C ARG B 27 12.52 9.06 6.79
N ILE B 28 11.23 8.72 6.84
CA ILE B 28 10.18 9.71 6.90
C ILE B 28 9.36 9.54 8.19
N ARG B 29 8.17 10.11 8.24
CA ARG B 29 7.40 10.16 9.47
C ARG B 29 5.90 10.23 9.19
N GLU B 30 5.13 10.65 10.21
CA GLU B 30 3.68 10.78 10.11
C GLU B 30 3.26 11.96 9.24
N GLY B 31 4.06 12.19 8.22
CA GLY B 31 3.75 13.15 7.21
C GLY B 31 4.39 12.75 5.91
N ASP B 32 4.51 11.43 5.75
CA ASP B 32 4.99 10.83 4.52
C ASP B 32 3.86 10.65 3.54
N PRO B 33 4.03 11.12 2.32
CA PRO B 33 3.10 10.88 1.26
C PRO B 33 3.37 9.57 0.56
N LEU B 34 2.33 8.95 0.08
CA LEU B 34 2.50 7.76 -0.71
C LEU B 34 1.55 7.83 -1.88
N GLU B 35 1.97 7.24 -2.97
CA GLU B 35 1.16 7.24 -4.16
C GLU B 35 0.58 5.88 -4.31
N ILE B 36 -0.73 5.79 -4.15
CA ILE B 36 -1.45 4.55 -4.23
C ILE B 36 -1.80 4.26 -5.67
N PHE B 37 -1.14 3.28 -6.24
CA PHE B 37 -1.46 2.84 -7.59
C PHE B 37 -1.16 1.36 -7.73
N VAL B 38 -2.15 0.61 -8.19
CA VAL B 38 -2.00 -0.84 -8.33
C VAL B 38 -1.25 -1.19 -9.60
N ASP B 39 -0.37 -2.16 -9.47
CA ASP B 39 0.45 -2.61 -10.57
C ASP B 39 -0.36 -3.42 -11.56
N ARG B 40 -1.10 -4.40 -11.06
CA ARG B 40 -1.72 -5.39 -11.92
C ARG B 40 -3.18 -5.63 -11.59
N ASP B 41 -3.40 -6.30 -10.48
CA ASP B 41 -4.74 -6.74 -10.10
C ASP B 41 -5.12 -6.24 -8.73
N GLY B 42 -4.41 -6.77 -7.74
CA GLY B 42 -4.72 -6.44 -6.38
C GLY B 42 -3.49 -6.03 -5.60
N GLU B 43 -2.40 -5.83 -6.32
CA GLU B 43 -1.18 -5.35 -5.71
C GLU B 43 -1.11 -3.84 -5.81
N VAL B 44 -1.36 -3.17 -4.70
CA VAL B 44 -1.31 -1.72 -4.69
C VAL B 44 0.09 -1.26 -4.36
N ILE B 45 0.58 -0.31 -5.11
CA ILE B 45 1.92 0.19 -4.93
C ILE B 45 1.82 1.59 -4.38
N LEU B 46 2.33 1.78 -3.17
CA LEU B 46 2.32 3.09 -2.51
C LEU B 46 3.73 3.64 -2.45
N LYS B 47 3.98 4.74 -3.11
CA LYS B 47 5.34 5.28 -3.12
C LYS B 47 5.40 6.74 -2.63
N LYS B 48 6.50 7.06 -1.96
CA LYS B 48 6.68 8.28 -1.15
C LYS B 48 6.24 9.63 -1.76
N TYR B 49 5.90 9.67 -3.05
CA TYR B 49 5.32 10.86 -3.68
C TYR B 49 6.32 12.00 -3.86
N SER B 50 7.02 12.36 -2.78
CA SER B 50 7.94 13.48 -2.77
C SER B 50 8.92 13.41 -3.95
N PRO B 51 9.70 12.32 -4.08
CA PRO B 51 10.51 12.08 -5.28
C PRO B 51 9.73 11.34 -6.35
N ILE B 52 8.41 11.27 -6.13
CA ILE B 52 7.51 10.48 -6.96
C ILE B 52 8.08 9.08 -7.12
N SER B 53 7.97 8.53 -8.31
CA SER B 53 8.57 7.26 -8.58
C SER B 53 9.74 7.46 -9.54
N GLU B 54 10.86 7.94 -8.98
CA GLU B 54 11.97 8.48 -9.77
C GLU B 54 11.57 9.82 -10.39
N LEU B 55 12.36 10.85 -10.12
CA LEU B 55 12.13 12.17 -10.70
C LEU B 55 12.63 12.22 -12.14
N MET A 1 -2.57 -2.97 -17.13
CA MET A 1 -2.10 -1.57 -17.05
C MET A 1 -2.28 -1.05 -15.63
N LYS A 2 -3.54 -0.95 -15.20
CA LYS A 2 -3.86 -0.54 -13.84
C LYS A 2 -3.30 0.83 -13.52
N ALA A 3 -2.82 0.97 -12.28
CA ALA A 3 -2.30 2.22 -11.75
C ALA A 3 -3.41 3.25 -11.52
N THR A 4 -3.29 3.99 -10.43
CA THR A 4 -4.29 4.98 -10.06
C THR A 4 -3.62 6.31 -9.76
N GLY A 5 -2.70 6.32 -8.82
CA GLY A 5 -1.93 7.50 -8.55
C GLY A 5 -2.63 8.44 -7.61
N ILE A 6 -3.11 7.90 -6.49
CA ILE A 6 -3.68 8.73 -5.44
C ILE A 6 -2.70 8.82 -4.28
N VAL A 7 -2.12 9.98 -4.10
CA VAL A 7 -1.18 10.19 -3.01
C VAL A 7 -1.91 10.43 -1.70
N ARG A 8 -1.48 9.74 -0.66
CA ARG A 8 -2.06 9.84 0.66
C ARG A 8 -0.92 10.08 1.63
N ARG A 9 -1.00 11.13 2.41
CA ARG A 9 0.00 11.37 3.43
C ARG A 9 -0.41 10.62 4.67
N ILE A 10 0.25 9.48 4.89
CA ILE A 10 -0.01 8.53 6.00
C ILE A 10 -1.06 9.01 7.00
N ASP A 11 -0.60 9.43 8.19
CA ASP A 11 -1.46 9.98 9.24
C ASP A 11 -0.72 9.90 10.56
N ASP A 12 -1.45 10.10 11.65
CA ASP A 12 -0.86 10.10 12.99
C ASP A 12 -0.36 8.71 13.37
N LEU A 13 -0.93 7.69 12.73
CA LEU A 13 -0.54 6.32 13.00
C LEU A 13 0.40 5.81 11.92
N GLY A 14 -0.01 5.88 10.67
CA GLY A 14 0.82 5.41 9.57
C GLY A 14 0.07 4.56 8.57
N ARG A 15 -1.25 4.65 8.56
CA ARG A 15 -2.02 3.85 7.63
C ARG A 15 -1.97 4.45 6.25
N VAL A 16 -2.18 3.61 5.27
CA VAL A 16 -2.42 4.08 3.93
C VAL A 16 -3.86 3.81 3.60
N VAL A 17 -4.67 4.83 3.73
CA VAL A 17 -6.11 4.68 3.57
C VAL A 17 -6.42 4.31 2.13
N ILE A 18 -6.80 3.06 1.93
CA ILE A 18 -7.08 2.55 0.62
C ILE A 18 -8.58 2.61 0.35
N PRO A 19 -9.00 3.54 -0.52
CA PRO A 19 -10.38 3.65 -0.94
C PRO A 19 -10.98 2.31 -1.33
N LYS A 20 -12.26 2.15 -1.06
CA LYS A 20 -12.97 0.92 -1.39
C LYS A 20 -13.02 0.71 -2.90
N GLU A 21 -12.71 1.74 -3.67
CA GLU A 21 -12.71 1.62 -5.14
C GLU A 21 -11.64 0.63 -5.64
N ILE A 22 -10.61 0.39 -4.83
CA ILE A 22 -9.55 -0.51 -5.27
C ILE A 22 -9.96 -1.92 -4.89
N ARG A 23 -10.42 -2.05 -3.64
CA ARG A 23 -10.98 -3.30 -3.15
C ARG A 23 -12.22 -3.65 -3.97
N ARG A 24 -12.84 -2.62 -4.51
CA ARG A 24 -13.93 -2.76 -5.44
C ARG A 24 -13.50 -3.46 -6.71
N THR A 25 -12.43 -2.98 -7.33
CA THR A 25 -11.84 -3.67 -8.47
C THR A 25 -11.36 -5.07 -8.05
N LEU A 26 -10.94 -5.19 -6.80
CA LEU A 26 -10.57 -6.47 -6.21
C LEU A 26 -11.79 -7.40 -6.12
N ARG A 27 -12.99 -6.79 -6.14
CA ARG A 27 -14.26 -7.51 -6.00
C ARG A 27 -14.44 -8.02 -4.58
N ILE A 28 -13.73 -7.38 -3.66
CA ILE A 28 -13.75 -7.76 -2.27
C ILE A 28 -14.31 -6.61 -1.44
N ARG A 29 -14.15 -6.66 -0.12
CA ARG A 29 -14.74 -5.65 0.76
C ARG A 29 -13.89 -5.43 1.99
N GLU A 30 -14.52 -4.99 3.07
CA GLU A 30 -13.83 -4.69 4.33
C GLU A 30 -13.43 -5.95 5.09
N GLY A 31 -12.89 -6.89 4.32
CA GLY A 31 -12.31 -8.10 4.85
C GLY A 31 -11.37 -8.69 3.82
N ASP A 32 -10.80 -7.81 3.00
CA ASP A 32 -9.78 -8.19 2.03
C ASP A 32 -8.42 -8.10 2.69
N PRO A 33 -7.63 -9.16 2.57
CA PRO A 33 -6.28 -9.16 3.05
C PRO A 33 -5.35 -8.56 2.03
N LEU A 34 -4.29 -7.94 2.49
CA LEU A 34 -3.27 -7.50 1.60
C LEU A 34 -1.92 -7.76 2.22
N GLU A 35 -0.95 -7.91 1.36
CA GLU A 35 0.40 -8.20 1.80
C GLU A 35 1.24 -7.00 1.57
N ILE A 36 1.72 -6.42 2.65
CA ILE A 36 2.53 -5.22 2.61
C ILE A 36 3.98 -5.62 2.42
N PHE A 37 4.51 -5.33 1.24
CA PHE A 37 5.91 -5.56 0.98
C PHE A 37 6.43 -4.54 -0.04
N VAL A 38 7.48 -3.84 0.32
CA VAL A 38 8.05 -2.84 -0.56
C VAL A 38 8.93 -3.48 -1.62
N ASP A 39 8.78 -2.99 -2.85
CA ASP A 39 9.38 -3.59 -4.03
C ASP A 39 10.78 -3.05 -4.28
N ARG A 40 10.82 -1.76 -4.60
CA ARG A 40 12.00 -1.13 -5.16
C ARG A 40 12.71 -0.26 -4.14
N ASP A 41 12.25 0.97 -4.01
CA ASP A 41 12.87 1.94 -3.10
C ASP A 41 11.96 2.23 -1.93
N GLY A 42 10.91 2.99 -2.20
CA GLY A 42 9.96 3.33 -1.16
C GLY A 42 8.54 3.07 -1.59
N GLU A 43 8.39 2.13 -2.53
CA GLU A 43 7.08 1.75 -3.02
C GLU A 43 6.64 0.49 -2.31
N VAL A 44 5.61 0.60 -1.49
CA VAL A 44 5.07 -0.54 -0.77
C VAL A 44 4.00 -1.21 -1.60
N ILE A 45 4.07 -2.51 -1.69
CA ILE A 45 3.17 -3.26 -2.53
C ILE A 45 2.28 -4.09 -1.64
N LEU A 46 0.98 -3.83 -1.70
CA LEU A 46 -0.01 -4.54 -0.91
C LEU A 46 -0.86 -5.43 -1.81
N LYS A 47 -0.82 -6.74 -1.63
CA LYS A 47 -1.65 -7.61 -2.49
C LYS A 47 -2.54 -8.56 -1.69
N LYS A 48 -3.67 -8.91 -2.30
CA LYS A 48 -4.81 -9.60 -1.68
C LYS A 48 -4.49 -10.79 -0.75
N TYR A 49 -3.28 -11.32 -0.80
CA TYR A 49 -2.84 -12.37 0.13
C TYR A 49 -3.49 -13.73 -0.17
N SER A 50 -4.82 -13.75 -0.22
CA SER A 50 -5.57 -14.99 -0.38
C SER A 50 -5.05 -15.81 -1.58
N PRO A 51 -4.88 -15.18 -2.77
CA PRO A 51 -4.22 -15.82 -3.89
C PRO A 51 -2.75 -15.42 -3.98
N ILE A 52 -2.26 -14.81 -2.91
CA ILE A 52 -0.92 -14.25 -2.86
C ILE A 52 -0.72 -13.33 -4.05
N SER A 53 0.45 -13.37 -4.65
CA SER A 53 0.69 -12.57 -5.83
C SER A 53 0.62 -13.45 -7.07
N GLU A 54 0.25 -14.70 -6.83
CA GLU A 54 0.24 -15.74 -7.84
C GLU A 54 -0.10 -17.07 -7.19
N LEU A 55 -1.27 -17.61 -7.51
CA LEU A 55 -1.69 -18.87 -6.95
C LEU A 55 -1.74 -19.93 -8.05
N MET B 1 16.47 -5.21 -2.68
CA MET B 1 15.78 -6.47 -2.31
C MET B 1 14.47 -6.15 -1.61
N LYS B 2 14.57 -5.72 -0.36
CA LYS B 2 13.42 -5.39 0.46
C LYS B 2 12.42 -6.54 0.54
N ALA B 3 11.15 -6.21 0.36
CA ALA B 3 10.06 -7.15 0.58
C ALA B 3 9.91 -7.46 2.06
N THR B 4 8.73 -7.24 2.59
CA THR B 4 8.46 -7.46 4.00
C THR B 4 7.43 -8.58 4.20
N GLY B 5 6.35 -8.51 3.45
CA GLY B 5 5.39 -9.59 3.45
C GLY B 5 4.56 -9.66 4.72
N ILE B 6 4.00 -8.52 5.10
CA ILE B 6 3.10 -8.47 6.24
C ILE B 6 1.68 -8.27 5.73
N VAL B 7 0.86 -9.30 5.88
CA VAL B 7 -0.51 -9.24 5.44
C VAL B 7 -1.39 -8.51 6.44
N ARG B 8 -2.22 -7.62 5.93
CA ARG B 8 -3.10 -6.79 6.71
C ARG B 8 -4.50 -6.90 6.10
N ARG B 9 -5.47 -7.33 6.89
CA ARG B 9 -6.85 -7.35 6.43
C ARG B 9 -7.43 -5.97 6.67
N ILE B 10 -7.54 -5.21 5.57
CA ILE B 10 -7.97 -3.80 5.56
C ILE B 10 -8.52 -3.29 6.91
N ASP B 11 -9.85 -3.22 7.03
CA ASP B 11 -10.54 -2.87 8.26
C ASP B 11 -11.97 -2.50 7.95
N ASP B 12 -12.58 -1.67 8.79
CA ASP B 12 -13.97 -1.28 8.58
C ASP B 12 -14.06 -0.09 7.64
N LEU B 13 -12.90 0.49 7.32
CA LEU B 13 -12.83 1.60 6.39
C LEU B 13 -12.15 1.12 5.09
N GLY B 14 -10.94 0.59 5.22
CA GLY B 14 -10.21 0.14 4.06
C GLY B 14 -8.77 0.62 4.05
N ARG B 15 -8.24 0.99 5.22
CA ARG B 15 -6.87 1.45 5.29
C ARG B 15 -5.93 0.27 5.26
N VAL B 16 -4.73 0.51 4.79
CA VAL B 16 -3.67 -0.44 4.92
C VAL B 16 -2.70 0.10 5.93
N VAL B 17 -2.88 -0.35 7.16
CA VAL B 17 -2.11 0.18 8.27
C VAL B 17 -0.64 -0.13 8.09
N ILE B 18 0.12 0.89 7.71
CA ILE B 18 1.53 0.74 7.45
C ILE B 18 2.34 1.03 8.70
N PRO B 19 2.97 -0.01 9.28
CA PRO B 19 3.91 0.14 10.38
C PRO B 19 4.93 1.22 10.13
N LYS B 20 5.27 1.93 11.19
CA LYS B 20 6.26 2.99 11.11
C LYS B 20 7.61 2.45 10.65
N GLU B 21 7.80 1.13 10.70
CA GLU B 21 9.07 0.52 10.32
C GLU B 21 9.37 0.70 8.84
N ILE B 22 8.34 0.98 8.04
CA ILE B 22 8.55 1.17 6.61
C ILE B 22 8.90 2.63 6.37
N ARG B 23 8.09 3.52 6.95
CA ARG B 23 8.38 4.95 6.99
C ARG B 23 9.75 5.17 7.61
N ARG B 24 10.07 4.29 8.53
CA ARG B 24 11.35 4.25 9.19
C ARG B 24 12.48 4.03 8.20
N THR B 25 12.38 2.96 7.39
CA THR B 25 13.35 2.75 6.33
C THR B 25 13.32 3.93 5.34
N LEU B 26 12.13 4.48 5.16
CA LEU B 26 11.91 5.62 4.29
C LEU B 26 12.66 6.86 4.81
N ARG B 27 13.00 6.85 6.10
CA ARG B 27 13.65 7.99 6.76
C ARG B 27 12.67 9.16 6.90
N ILE B 28 11.39 8.83 7.00
CA ILE B 28 10.34 9.84 7.04
C ILE B 28 9.51 9.67 8.31
N ARG B 29 8.28 10.20 8.33
CA ARG B 29 7.46 10.19 9.54
C ARG B 29 5.97 10.27 9.24
N GLU B 30 5.18 10.69 10.26
CA GLU B 30 3.72 10.85 10.12
C GLU B 30 3.36 12.02 9.23
N GLY B 31 4.15 12.19 8.20
CA GLY B 31 3.92 13.18 7.21
C GLY B 31 4.61 12.78 5.93
N ASP B 32 4.67 11.46 5.71
CA ASP B 32 5.17 10.91 4.47
C ASP B 32 4.02 10.71 3.52
N PRO B 33 4.13 11.25 2.33
CA PRO B 33 3.17 11.04 1.29
C PRO B 33 3.42 9.70 0.62
N LEU B 34 2.39 9.09 0.10
CA LEU B 34 2.57 7.92 -0.68
C LEU B 34 1.62 7.94 -1.86
N GLU B 35 2.05 7.33 -2.93
CA GLU B 35 1.26 7.29 -4.14
C GLU B 35 0.68 5.94 -4.24
N ILE B 36 -0.63 5.85 -4.10
CA ILE B 36 -1.34 4.61 -4.18
C ILE B 36 -1.67 4.34 -5.63
N PHE B 37 -1.03 3.33 -6.19
CA PHE B 37 -1.37 2.89 -7.51
C PHE B 37 -1.08 1.40 -7.63
N VAL B 38 -2.05 0.66 -8.10
CA VAL B 38 -1.92 -0.78 -8.15
C VAL B 38 -1.19 -1.23 -9.41
N ASP B 39 -0.19 -2.06 -9.19
CA ASP B 39 0.53 -2.69 -10.27
C ASP B 39 -0.10 -4.05 -10.54
N ARG B 40 0.31 -4.69 -11.61
CA ARG B 40 -0.16 -6.04 -11.97
C ARG B 40 -1.65 -6.25 -11.76
N ASP B 41 -2.02 -7.01 -10.73
CA ASP B 41 -3.41 -7.38 -10.51
C ASP B 41 -3.99 -6.66 -9.31
N GLY B 42 -3.73 -7.19 -8.13
CA GLY B 42 -4.30 -6.64 -6.93
C GLY B 42 -3.23 -6.16 -5.97
N GLU B 43 -2.08 -5.82 -6.52
CA GLU B 43 -0.99 -5.31 -5.70
C GLU B 43 -0.99 -3.79 -5.75
N VAL B 44 -1.30 -3.15 -4.63
CA VAL B 44 -1.28 -1.69 -4.58
C VAL B 44 0.11 -1.21 -4.22
N ILE B 45 0.59 -0.25 -4.96
CA ILE B 45 1.92 0.27 -4.77
C ILE B 45 1.81 1.67 -4.18
N LEU B 46 2.35 1.85 -3.00
CA LEU B 46 2.36 3.14 -2.32
C LEU B 46 3.78 3.68 -2.24
N LYS B 47 4.05 4.82 -2.87
CA LYS B 47 5.42 5.36 -2.81
C LYS B 47 5.46 6.83 -2.40
N LYS B 48 6.55 7.21 -1.74
CA LYS B 48 6.72 8.50 -1.02
C LYS B 48 6.16 9.77 -1.69
N TYR B 49 5.94 9.76 -3.00
CA TYR B 49 5.37 10.92 -3.70
C TYR B 49 6.40 12.04 -3.87
N SER B 50 7.09 12.34 -2.77
CA SER B 50 8.05 13.43 -2.70
C SER B 50 9.06 13.42 -3.87
N PRO B 51 9.69 12.26 -4.17
CA PRO B 51 10.48 12.10 -5.38
C PRO B 51 9.75 11.30 -6.45
N ILE B 52 8.45 11.16 -6.24
CA ILE B 52 7.63 10.24 -7.01
C ILE B 52 8.27 8.85 -6.95
N SER B 53 8.25 8.10 -8.05
CA SER B 53 8.91 6.81 -8.06
C SER B 53 10.39 6.99 -8.35
N GLU B 54 10.69 8.05 -9.07
CA GLU B 54 12.04 8.37 -9.51
C GLU B 54 12.07 9.80 -10.03
N LEU B 55 12.87 10.64 -9.39
CA LEU B 55 12.95 12.03 -9.76
C LEU B 55 14.29 12.35 -10.40
N MET A 1 -9.19 2.02 -14.22
CA MET A 1 -7.99 1.24 -14.56
C MET A 1 -7.06 1.17 -13.37
N LYS A 2 -6.02 0.35 -13.45
CA LYS A 2 -5.03 0.27 -12.38
C LYS A 2 -4.02 1.39 -12.55
N ALA A 3 -2.99 1.42 -11.68
CA ALA A 3 -2.07 2.56 -11.63
C ALA A 3 -2.84 3.84 -11.40
N THR A 4 -3.38 3.98 -10.20
CA THR A 4 -4.31 5.04 -9.89
C THR A 4 -3.63 6.35 -9.53
N GLY A 5 -2.46 6.24 -8.92
CA GLY A 5 -1.70 7.43 -8.59
C GLY A 5 -2.42 8.37 -7.65
N ILE A 6 -2.95 7.82 -6.57
CA ILE A 6 -3.56 8.65 -5.54
C ILE A 6 -2.64 8.71 -4.33
N VAL A 7 -1.99 9.86 -4.18
CA VAL A 7 -1.08 10.06 -3.07
C VAL A 7 -1.87 10.27 -1.78
N ARG A 8 -1.46 9.58 -0.74
CA ARG A 8 -2.09 9.63 0.55
C ARG A 8 -1.00 9.87 1.56
N ARG A 9 -1.08 10.97 2.29
CA ARG A 9 -0.11 11.22 3.33
C ARG A 9 -0.54 10.48 4.58
N ILE A 10 0.14 9.35 4.82
CA ILE A 10 -0.13 8.42 5.93
C ILE A 10 -1.12 8.95 6.97
N ASP A 11 -0.60 9.39 8.13
CA ASP A 11 -1.39 9.99 9.20
C ASP A 11 -0.58 9.94 10.48
N ASP A 12 -1.26 10.09 11.61
CA ASP A 12 -0.59 10.11 12.90
C ASP A 12 -0.09 8.71 13.27
N LEU A 13 -0.73 7.70 12.72
CA LEU A 13 -0.35 6.32 12.96
C LEU A 13 0.58 5.82 11.85
N GLY A 14 0.11 5.87 10.61
CA GLY A 14 0.90 5.39 9.50
C GLY A 14 0.10 4.52 8.54
N ARG A 15 -1.22 4.62 8.59
CA ARG A 15 -2.04 3.83 7.68
C ARG A 15 -2.00 4.42 6.29
N VAL A 16 -2.20 3.59 5.32
CA VAL A 16 -2.42 4.06 3.98
C VAL A 16 -3.86 3.85 3.64
N VAL A 17 -4.65 4.89 3.83
CA VAL A 17 -6.08 4.80 3.67
C VAL A 17 -6.43 4.48 2.23
N ILE A 18 -6.70 3.21 1.96
CA ILE A 18 -7.04 2.76 0.64
C ILE A 18 -8.52 2.89 0.41
N PRO A 19 -8.93 3.79 -0.49
CA PRO A 19 -10.31 3.93 -0.89
C PRO A 19 -10.90 2.59 -1.30
N LYS A 20 -12.14 2.38 -0.93
CA LYS A 20 -12.82 1.13 -1.21
C LYS A 20 -12.92 0.88 -2.71
N GLU A 21 -12.69 1.91 -3.52
CA GLU A 21 -12.79 1.80 -4.97
C GLU A 21 -11.71 0.88 -5.54
N ILE A 22 -10.62 0.68 -4.82
CA ILE A 22 -9.55 -0.18 -5.31
C ILE A 22 -9.86 -1.60 -4.90
N ARG A 23 -10.26 -1.75 -3.63
CA ARG A 23 -10.75 -3.02 -3.10
C ARG A 23 -12.00 -3.44 -3.87
N ARG A 24 -12.70 -2.44 -4.36
CA ARG A 24 -13.84 -2.61 -5.24
C ARG A 24 -13.43 -3.32 -6.52
N THR A 25 -12.40 -2.80 -7.19
CA THR A 25 -11.86 -3.47 -8.36
C THR A 25 -11.15 -4.77 -7.98
N LEU A 26 -10.75 -4.86 -6.72
CA LEU A 26 -10.13 -6.07 -6.19
C LEU A 26 -11.13 -7.23 -6.14
N ARG A 27 -12.43 -6.90 -6.21
CA ARG A 27 -13.51 -7.87 -6.01
C ARG A 27 -13.57 -8.30 -4.55
N ILE A 28 -12.99 -7.47 -3.69
CA ILE A 28 -12.90 -7.79 -2.27
C ILE A 28 -13.64 -6.73 -1.46
N ARG A 29 -13.39 -6.70 -0.16
CA ARG A 29 -14.21 -5.91 0.75
C ARG A 29 -13.44 -5.61 2.02
N GLU A 30 -14.17 -5.34 3.11
CA GLU A 30 -13.58 -5.10 4.42
C GLU A 30 -13.06 -6.39 5.02
N GLY A 31 -12.49 -7.21 4.15
CA GLY A 31 -11.85 -8.44 4.52
C GLY A 31 -10.77 -8.79 3.52
N ASP A 32 -10.22 -7.77 2.87
CA ASP A 32 -9.11 -7.93 1.95
C ASP A 32 -7.79 -7.93 2.73
N PRO A 33 -7.11 -9.06 2.71
CA PRO A 33 -5.89 -9.29 3.48
C PRO A 33 -4.63 -8.90 2.74
N LEU A 34 -4.54 -7.69 2.30
CA LEU A 34 -3.40 -7.31 1.47
C LEU A 34 -2.07 -7.54 2.19
N GLU A 35 -1.07 -7.74 1.37
CA GLU A 35 0.27 -8.07 1.82
C GLU A 35 1.11 -6.85 1.65
N ILE A 36 1.64 -6.36 2.74
CA ILE A 36 2.49 -5.18 2.71
C ILE A 36 3.92 -5.60 2.48
N PHE A 37 4.43 -5.29 1.30
CA PHE A 37 5.83 -5.54 1.01
C PHE A 37 6.33 -4.51 0.01
N VAL A 38 7.40 -3.83 0.37
CA VAL A 38 7.96 -2.80 -0.50
C VAL A 38 8.84 -3.43 -1.57
N ASP A 39 8.71 -2.92 -2.78
CA ASP A 39 9.37 -3.50 -3.94
C ASP A 39 10.79 -2.97 -4.08
N ARG A 40 10.91 -1.65 -4.15
CA ARG A 40 12.16 -1.01 -4.51
C ARG A 40 12.68 -0.09 -3.41
N ASP A 41 12.30 1.18 -3.48
CA ASP A 41 12.79 2.17 -2.53
C ASP A 41 11.76 2.41 -1.44
N GLY A 42 10.67 3.04 -1.82
CA GLY A 42 9.65 3.39 -0.90
C GLY A 42 8.28 3.08 -1.42
N GLU A 43 8.23 2.16 -2.37
CA GLU A 43 6.96 1.72 -2.92
C GLU A 43 6.52 0.46 -2.21
N VAL A 44 5.49 0.59 -1.40
CA VAL A 44 4.95 -0.54 -0.68
C VAL A 44 3.88 -1.20 -1.52
N ILE A 45 3.96 -2.50 -1.63
CA ILE A 45 3.04 -3.24 -2.47
C ILE A 45 2.10 -4.01 -1.58
N LEU A 46 0.82 -3.72 -1.71
CA LEU A 46 -0.23 -4.38 -0.93
C LEU A 46 -0.95 -5.40 -1.79
N LYS A 47 -0.93 -6.63 -1.34
CA LYS A 47 -1.34 -7.77 -2.14
C LYS A 47 -2.41 -8.63 -1.44
N LYS A 48 -3.56 -8.82 -2.10
CA LYS A 48 -4.77 -9.48 -1.54
C LYS A 48 -4.53 -10.71 -0.64
N TYR A 49 -3.36 -11.33 -0.73
CA TYR A 49 -2.93 -12.44 0.15
C TYR A 49 -3.63 -13.76 -0.18
N SER A 50 -4.96 -13.73 -0.16
CA SER A 50 -5.78 -14.93 -0.34
C SER A 50 -5.33 -15.74 -1.57
N PRO A 51 -5.25 -15.10 -2.76
CA PRO A 51 -4.65 -15.73 -3.93
C PRO A 51 -3.20 -15.35 -4.08
N ILE A 52 -2.64 -14.79 -3.01
CA ILE A 52 -1.31 -14.20 -3.05
C ILE A 52 -1.24 -13.21 -4.19
N SER A 53 -0.23 -13.30 -5.02
CA SER A 53 -0.17 -12.47 -6.21
C SER A 53 -0.82 -13.17 -7.38
N GLU A 54 -0.51 -14.45 -7.50
CA GLU A 54 -0.88 -15.25 -8.67
C GLU A 54 -1.58 -16.54 -8.24
N LEU A 55 -0.97 -17.23 -7.27
CA LEU A 55 -1.48 -18.50 -6.76
C LEU A 55 -1.34 -19.59 -7.82
N MET B 1 15.33 -5.17 5.55
CA MET B 1 15.18 -5.52 4.12
C MET B 1 13.81 -5.10 3.62
N LYS B 2 13.70 -4.91 2.31
CA LYS B 2 12.41 -4.66 1.70
C LYS B 2 11.69 -5.99 1.48
N ALA B 3 10.55 -5.97 0.78
CA ALA B 3 9.73 -7.16 0.60
C ALA B 3 9.42 -7.81 1.94
N THR B 4 8.60 -7.12 2.71
CA THR B 4 8.34 -7.48 4.08
C THR B 4 7.29 -8.59 4.21
N GLY B 5 6.34 -8.61 3.29
CA GLY B 5 5.33 -9.65 3.26
C GLY B 5 4.49 -9.69 4.52
N ILE B 6 4.04 -8.52 4.97
CA ILE B 6 3.18 -8.44 6.13
C ILE B 6 1.75 -8.18 5.69
N VAL B 7 0.95 -9.22 5.77
CA VAL B 7 -0.45 -9.15 5.37
C VAL B 7 -1.28 -8.40 6.42
N ARG B 8 -2.08 -7.46 5.96
CA ARG B 8 -2.97 -6.69 6.80
C ARG B 8 -4.34 -6.73 6.17
N ARG B 9 -5.31 -7.30 6.87
CA ARG B 9 -6.66 -7.27 6.38
C ARG B 9 -7.26 -5.92 6.67
N ILE B 10 -7.37 -5.12 5.61
CA ILE B 10 -7.84 -3.73 5.64
C ILE B 10 -8.51 -3.31 6.97
N ASP B 11 -9.85 -3.25 6.96
CA ASP B 11 -10.65 -2.91 8.13
C ASP B 11 -12.02 -2.48 7.65
N ASP B 12 -12.83 -1.85 8.52
CA ASP B 12 -14.15 -1.41 8.13
C ASP B 12 -14.08 -0.28 7.12
N LEU B 13 -13.03 0.52 7.22
CA LEU B 13 -12.85 1.63 6.31
C LEU B 13 -12.14 1.16 5.03
N GLY B 14 -10.95 0.61 5.18
CA GLY B 14 -10.20 0.17 4.03
C GLY B 14 -8.77 0.65 4.05
N ARG B 15 -8.28 1.09 5.20
CA ARG B 15 -6.90 1.53 5.28
C ARG B 15 -5.99 0.34 5.28
N VAL B 16 -4.78 0.55 4.81
CA VAL B 16 -3.75 -0.44 4.95
C VAL B 16 -2.77 0.07 5.96
N VAL B 17 -2.93 -0.40 7.18
CA VAL B 17 -2.17 0.12 8.29
C VAL B 17 -0.70 -0.23 8.13
N ILE B 18 0.06 0.74 7.66
CA ILE B 18 1.48 0.57 7.43
C ILE B 18 2.25 0.88 8.70
N PRO B 19 2.86 -0.15 9.32
CA PRO B 19 3.74 0.04 10.45
C PRO B 19 4.78 1.09 10.18
N LYS B 20 5.06 1.89 11.18
CA LYS B 20 6.02 2.98 11.06
C LYS B 20 7.40 2.46 10.72
N GLU B 21 7.62 1.16 10.86
CA GLU B 21 8.92 0.55 10.57
C GLU B 21 9.27 0.61 9.07
N ILE B 22 8.27 0.73 8.21
CA ILE B 22 8.56 0.78 6.78
C ILE B 22 8.81 2.24 6.41
N ARG B 23 7.96 3.11 6.95
CA ARG B 23 8.15 4.57 6.85
C ARG B 23 9.46 4.94 7.52
N ARG B 24 9.83 4.15 8.50
CA ARG B 24 11.11 4.27 9.18
C ARG B 24 12.24 4.04 8.21
N THR B 25 12.21 2.92 7.48
CA THR B 25 13.21 2.65 6.46
C THR B 25 13.08 3.65 5.31
N LEU B 26 11.88 4.19 5.15
CA LEU B 26 11.61 5.22 4.16
C LEU B 26 12.37 6.50 4.48
N ARG B 27 12.81 6.63 5.76
CA ARG B 27 13.42 7.85 6.26
C ARG B 27 12.37 8.96 6.39
N ILE B 28 11.11 8.55 6.43
CA ILE B 28 10.01 9.48 6.48
C ILE B 28 9.26 9.32 7.81
N ARG B 29 8.07 9.90 7.90
CA ARG B 29 7.35 10.00 9.16
C ARG B 29 5.86 10.15 8.92
N GLU B 30 5.16 10.70 9.89
CA GLU B 30 3.72 10.94 9.79
C GLU B 30 3.39 12.06 8.82
N GLY B 31 4.23 12.19 7.80
CA GLY B 31 3.98 13.12 6.73
C GLY B 31 4.49 12.55 5.41
N ASP B 32 4.46 11.24 5.31
CA ASP B 32 4.85 10.54 4.08
C ASP B 32 3.67 10.48 3.11
N PRO B 33 3.85 11.10 1.96
CA PRO B 33 2.82 11.19 0.92
C PRO B 33 2.84 10.03 -0.04
N LEU B 34 2.52 8.86 0.39
CA LEU B 34 2.66 7.73 -0.50
C LEU B 34 1.66 7.83 -1.66
N GLU B 35 2.07 7.24 -2.77
CA GLU B 35 1.27 7.25 -3.97
C GLU B 35 0.64 5.91 -4.11
N ILE B 36 -0.68 5.85 -4.02
CA ILE B 36 -1.42 4.61 -4.12
C ILE B 36 -1.74 4.33 -5.58
N PHE B 37 -1.10 3.32 -6.12
CA PHE B 37 -1.39 2.89 -7.47
C PHE B 37 -1.10 1.40 -7.60
N VAL B 38 -2.09 0.65 -8.06
CA VAL B 38 -1.92 -0.79 -8.19
C VAL B 38 -1.16 -1.13 -9.46
N ASP B 39 -0.25 -2.08 -9.32
CA ASP B 39 0.65 -2.47 -10.38
C ASP B 39 -0.07 -3.36 -11.39
N ARG B 40 -0.48 -4.53 -10.93
CA ARG B 40 -1.09 -5.52 -11.81
C ARG B 40 -2.52 -5.84 -11.41
N ASP B 41 -2.71 -6.89 -10.63
CA ASP B 41 -4.04 -7.36 -10.30
C ASP B 41 -4.55 -6.69 -9.03
N GLY B 42 -3.97 -7.06 -7.91
CA GLY B 42 -4.41 -6.54 -6.64
C GLY B 42 -3.27 -6.10 -5.78
N GLU B 43 -2.15 -5.78 -6.40
CA GLU B 43 -1.01 -5.25 -5.66
C GLU B 43 -1.00 -3.75 -5.74
N VAL B 44 -1.33 -3.10 -4.65
CA VAL B 44 -1.33 -1.64 -4.60
C VAL B 44 0.06 -1.15 -4.21
N ILE B 45 0.58 -0.22 -4.96
CA ILE B 45 1.91 0.29 -4.71
C ILE B 45 1.76 1.67 -4.11
N LEU B 46 2.30 1.86 -2.92
CA LEU B 46 2.29 3.14 -2.24
C LEU B 46 3.70 3.71 -2.17
N LYS B 47 3.95 4.82 -2.80
CA LYS B 47 5.30 5.39 -2.79
C LYS B 47 5.34 6.88 -2.43
N LYS B 48 6.34 7.23 -1.64
CA LYS B 48 6.50 8.53 -0.93
C LYS B 48 6.07 9.83 -1.66
N TYR B 49 5.90 9.81 -2.97
CA TYR B 49 5.42 10.99 -3.75
C TYR B 49 6.46 12.10 -3.87
N SER B 50 7.03 12.50 -2.74
CA SER B 50 7.92 13.65 -2.66
C SER B 50 9.06 13.57 -3.70
N PRO B 51 9.80 12.44 -3.77
CA PRO B 51 10.71 12.19 -4.89
C PRO B 51 10.06 11.33 -5.96
N ILE B 52 8.75 11.25 -5.89
CA ILE B 52 7.99 10.32 -6.70
C ILE B 52 8.57 8.92 -6.49
N SER B 53 8.84 8.22 -7.55
CA SER B 53 9.44 6.91 -7.42
C SER B 53 10.86 6.89 -7.97
N GLU B 54 11.45 8.08 -8.08
CA GLU B 54 12.77 8.24 -8.69
C GLU B 54 13.17 9.71 -8.72
N LEU B 55 12.31 10.52 -9.34
CA LEU B 55 12.57 11.94 -9.54
C LEU B 55 13.71 12.11 -10.55
N MET A 1 -0.56 -0.68 -17.47
CA MET A 1 -1.68 -1.63 -17.27
C MET A 1 -2.71 -1.05 -16.30
N LYS A 2 -2.28 -0.78 -15.07
CA LYS A 2 -3.20 -0.36 -14.02
C LYS A 2 -2.96 1.09 -13.61
N ALA A 3 -2.57 1.24 -12.35
CA ALA A 3 -2.26 2.53 -11.73
C ALA A 3 -3.50 3.37 -11.48
N THR A 4 -3.47 4.08 -10.37
CA THR A 4 -4.56 4.96 -9.96
C THR A 4 -4.01 6.33 -9.58
N GLY A 5 -3.07 6.35 -8.65
CA GLY A 5 -2.39 7.58 -8.32
C GLY A 5 -3.15 8.40 -7.30
N ILE A 6 -3.48 7.78 -6.19
CA ILE A 6 -4.04 8.50 -5.06
C ILE A 6 -3.00 8.57 -3.94
N VAL A 7 -2.46 9.76 -3.71
CA VAL A 7 -1.45 9.95 -2.68
C VAL A 7 -2.10 10.13 -1.31
N ARG A 8 -1.54 9.46 -0.30
CA ARG A 8 -2.05 9.45 1.05
C ARG A 8 -0.89 9.77 1.99
N ARG A 9 -0.93 10.90 2.68
CA ARG A 9 0.08 11.20 3.68
C ARG A 9 -0.29 10.48 4.96
N ILE A 10 0.42 9.36 5.21
CA ILE A 10 0.17 8.45 6.36
C ILE A 10 -0.73 9.04 7.44
N ASP A 11 -0.16 9.41 8.59
CA ASP A 11 -0.86 10.08 9.68
C ASP A 11 -0.07 9.88 10.95
N ASP A 12 -0.66 10.21 12.09
CA ASP A 12 0.01 10.07 13.38
C ASP A 12 0.18 8.60 13.75
N LEU A 13 -0.46 7.72 13.00
CA LEU A 13 -0.31 6.30 13.18
C LEU A 13 0.52 5.70 12.05
N GLY A 14 0.01 5.81 10.82
CA GLY A 14 0.73 5.30 9.68
C GLY A 14 -0.14 4.50 8.72
N ARG A 15 -1.45 4.72 8.76
CA ARG A 15 -2.33 3.98 7.86
C ARG A 15 -2.33 4.59 6.48
N VAL A 16 -2.55 3.75 5.49
CA VAL A 16 -2.81 4.19 4.16
C VAL A 16 -4.26 3.90 3.86
N VAL A 17 -5.09 4.92 3.99
CA VAL A 17 -6.51 4.76 3.81
C VAL A 17 -6.81 4.45 2.37
N ILE A 18 -7.08 3.17 2.10
CA ILE A 18 -7.33 2.72 0.74
C ILE A 18 -8.83 2.72 0.46
N PRO A 19 -9.27 3.60 -0.44
CA PRO A 19 -10.65 3.65 -0.91
C PRO A 19 -11.14 2.28 -1.39
N LYS A 20 -12.44 2.08 -1.30
CA LYS A 20 -13.04 0.84 -1.71
C LYS A 20 -12.95 0.65 -3.21
N GLU A 21 -12.61 1.71 -3.94
CA GLU A 21 -12.51 1.62 -5.40
C GLU A 21 -11.40 0.65 -5.84
N ILE A 22 -10.41 0.44 -4.97
CA ILE A 22 -9.30 -0.42 -5.33
C ILE A 22 -9.68 -1.85 -4.99
N ARG A 23 -10.20 -2.01 -3.77
CA ARG A 23 -10.74 -3.29 -3.31
C ARG A 23 -11.90 -3.70 -4.20
N ARG A 24 -12.54 -2.69 -4.78
CA ARG A 24 -13.60 -2.88 -5.75
C ARG A 24 -13.06 -3.57 -6.99
N THR A 25 -11.99 -3.02 -7.58
CA THR A 25 -11.33 -3.67 -8.70
C THR A 25 -10.73 -5.01 -8.28
N LEU A 26 -10.37 -5.11 -7.00
CA LEU A 26 -9.94 -6.38 -6.43
C LEU A 26 -11.08 -7.40 -6.45
N ARG A 27 -12.30 -6.86 -6.58
CA ARG A 27 -13.54 -7.65 -6.57
C ARG A 27 -13.82 -8.18 -5.18
N ILE A 28 -13.24 -7.50 -4.19
CA ILE A 28 -13.36 -7.90 -2.80
C ILE A 28 -13.99 -6.75 -2.01
N ARG A 29 -13.95 -6.82 -0.68
CA ARG A 29 -14.63 -5.83 0.15
C ARG A 29 -13.87 -5.56 1.44
N GLU A 30 -14.59 -5.09 2.46
CA GLU A 30 -14.04 -4.74 3.76
C GLU A 30 -13.66 -5.99 4.56
N GLY A 31 -12.96 -6.87 3.88
CA GLY A 31 -12.40 -8.06 4.48
C GLY A 31 -11.39 -8.67 3.54
N ASP A 32 -10.82 -7.81 2.70
CA ASP A 32 -9.74 -8.18 1.79
C ASP A 32 -8.42 -8.01 2.50
N PRO A 33 -7.58 -9.05 2.50
CA PRO A 33 -6.26 -8.97 3.04
C PRO A 33 -5.30 -8.36 2.05
N LEU A 34 -4.25 -7.76 2.53
CA LEU A 34 -3.22 -7.31 1.64
C LEU A 34 -1.86 -7.52 2.28
N GLU A 35 -0.88 -7.73 1.45
CA GLU A 35 0.46 -8.03 1.92
C GLU A 35 1.32 -6.86 1.65
N ILE A 36 1.74 -6.20 2.71
CA ILE A 36 2.53 -4.99 2.63
C ILE A 36 3.99 -5.36 2.52
N PHE A 37 4.55 -5.13 1.36
CA PHE A 37 5.96 -5.38 1.13
C PHE A 37 6.48 -4.40 0.09
N VAL A 38 7.52 -3.68 0.44
CA VAL A 38 8.09 -2.70 -0.47
C VAL A 38 8.99 -3.37 -1.48
N ASP A 39 8.79 -2.98 -2.72
CA ASP A 39 9.46 -3.59 -3.85
C ASP A 39 10.85 -3.02 -4.03
N ARG A 40 10.92 -1.72 -4.20
CA ARG A 40 12.13 -1.07 -4.67
C ARG A 40 12.60 0.04 -3.75
N ASP A 41 12.30 1.28 -4.10
CA ASP A 41 12.78 2.42 -3.32
C ASP A 41 11.89 2.69 -2.14
N GLY A 42 10.74 3.28 -2.42
CA GLY A 42 9.78 3.57 -1.38
C GLY A 42 8.38 3.19 -1.80
N GLU A 43 8.31 2.26 -2.73
CA GLU A 43 7.02 1.77 -3.20
C GLU A 43 6.62 0.55 -2.40
N VAL A 44 5.60 0.69 -1.57
CA VAL A 44 5.11 -0.42 -0.78
C VAL A 44 4.03 -1.12 -1.55
N ILE A 45 4.13 -2.42 -1.64
CA ILE A 45 3.21 -3.20 -2.43
C ILE A 45 2.33 -3.99 -1.49
N LEU A 46 1.04 -3.72 -1.54
CA LEU A 46 0.07 -4.46 -0.74
C LEU A 46 -0.75 -5.34 -1.65
N LYS A 47 -0.66 -6.66 -1.52
CA LYS A 47 -1.46 -7.51 -2.39
C LYS A 47 -2.36 -8.45 -1.60
N LYS A 48 -3.47 -8.79 -2.22
CA LYS A 48 -4.63 -9.48 -1.61
C LYS A 48 -4.33 -10.63 -0.62
N TYR A 49 -3.11 -11.17 -0.65
CA TYR A 49 -2.67 -12.19 0.33
C TYR A 49 -3.32 -13.55 0.07
N SER A 50 -4.64 -13.57 0.00
CA SER A 50 -5.40 -14.81 -0.15
C SER A 50 -4.92 -15.64 -1.37
N PRO A 51 -4.69 -15.02 -2.53
CA PRO A 51 -4.01 -15.65 -3.65
C PRO A 51 -2.55 -15.20 -3.75
N ILE A 52 -2.02 -14.69 -2.64
CA ILE A 52 -0.66 -14.14 -2.58
C ILE A 52 -0.41 -13.21 -3.77
N SER A 53 0.82 -13.15 -4.23
CA SER A 53 1.12 -12.43 -5.45
C SER A 53 0.88 -13.30 -6.65
N GLU A 54 -0.39 -13.44 -7.04
CA GLU A 54 -0.77 -14.22 -8.21
C GLU A 54 -0.47 -15.71 -8.00
N LEU A 55 -1.38 -16.39 -7.29
CA LEU A 55 -1.24 -17.81 -7.03
C LEU A 55 -2.09 -18.60 -8.02
N MET B 1 15.05 -7.24 -4.26
CA MET B 1 15.84 -6.44 -3.30
C MET B 1 15.13 -6.35 -1.95
N LYS B 2 13.93 -5.80 -1.95
CA LYS B 2 13.20 -5.59 -0.71
C LYS B 2 12.00 -6.52 -0.61
N ALA B 3 11.06 -6.16 0.28
CA ALA B 3 10.00 -7.03 0.81
C ALA B 3 9.86 -6.81 2.30
N THR B 4 8.71 -7.20 2.84
CA THR B 4 8.46 -7.17 4.27
C THR B 4 7.42 -8.24 4.63
N GLY B 5 6.35 -8.25 3.86
CA GLY B 5 5.36 -9.31 3.96
C GLY B 5 4.52 -9.24 5.21
N ILE B 6 3.93 -8.09 5.45
CA ILE B 6 2.97 -7.95 6.52
C ILE B 6 1.57 -7.79 5.92
N VAL B 7 0.73 -8.78 6.13
CA VAL B 7 -0.62 -8.74 5.60
C VAL B 7 -1.55 -7.97 6.53
N ARG B 8 -2.39 -7.11 5.95
CA ARG B 8 -3.32 -6.29 6.68
C ARG B 8 -4.70 -6.46 6.03
N ARG B 9 -5.65 -7.03 6.76
CA ARG B 9 -7.01 -7.10 6.26
C ARG B 9 -7.67 -5.76 6.51
N ILE B 10 -7.79 -4.97 5.43
CA ILE B 10 -8.34 -3.60 5.45
C ILE B 10 -9.08 -3.23 6.75
N ASP B 11 -10.41 -3.18 6.70
CA ASP B 11 -11.28 -3.00 7.86
C ASP B 11 -12.59 -2.44 7.39
N ASP B 12 -13.35 -1.85 8.31
CA ASP B 12 -14.67 -1.33 8.00
C ASP B 12 -14.56 -0.06 7.15
N LEU B 13 -13.33 0.44 6.99
CA LEU B 13 -13.09 1.65 6.21
C LEU B 13 -12.27 1.31 4.97
N GLY B 14 -11.09 0.74 5.18
CA GLY B 14 -10.23 0.38 4.08
C GLY B 14 -8.79 0.81 4.24
N ARG B 15 -8.35 1.14 5.45
CA ARG B 15 -6.97 1.58 5.62
C ARG B 15 -6.04 0.39 5.69
N VAL B 16 -4.84 0.62 5.24
CA VAL B 16 -3.76 -0.31 5.39
C VAL B 16 -2.80 0.26 6.40
N VAL B 17 -2.88 -0.23 7.61
CA VAL B 17 -2.09 0.32 8.68
C VAL B 17 -0.63 -0.03 8.46
N ILE B 18 0.14 0.95 8.01
CA ILE B 18 1.53 0.74 7.71
C ILE B 18 2.40 1.07 8.92
N PRO B 19 3.03 0.04 9.50
CA PRO B 19 4.04 0.19 10.54
C PRO B 19 5.10 1.21 10.19
N LYS B 20 5.52 1.95 11.19
CA LYS B 20 6.54 2.97 11.01
C LYS B 20 7.85 2.37 10.52
N GLU B 21 8.00 1.05 10.62
CA GLU B 21 9.22 0.38 10.18
C GLU B 21 9.43 0.53 8.66
N ILE B 22 8.37 0.79 7.92
CA ILE B 22 8.49 0.94 6.48
C ILE B 22 8.83 2.38 6.17
N ARG B 23 8.08 3.30 6.77
CA ARG B 23 8.36 4.73 6.71
C ARG B 23 9.75 5.01 7.28
N ARG B 24 10.14 4.14 8.19
CA ARG B 24 11.46 4.17 8.79
C ARG B 24 12.52 3.89 7.75
N THR B 25 12.39 2.78 7.02
CA THR B 25 13.32 2.49 5.94
C THR B 25 13.20 3.54 4.84
N LEU B 26 12.01 4.13 4.74
CA LEU B 26 11.77 5.25 3.83
C LEU B 26 12.61 6.46 4.23
N ARG B 27 13.07 6.45 5.48
CA ARG B 27 13.84 7.55 6.06
C ARG B 27 12.92 8.73 6.35
N ILE B 28 11.64 8.44 6.50
CA ILE B 28 10.62 9.46 6.68
C ILE B 28 9.85 9.21 7.97
N ARG B 29 8.68 9.84 8.09
CA ARG B 29 7.95 9.86 9.36
C ARG B 29 6.45 10.02 9.14
N GLU B 30 5.75 10.46 10.18
CA GLU B 30 4.30 10.62 10.17
C GLU B 30 3.86 11.83 9.35
N GLY B 31 4.58 12.04 8.26
CA GLY B 31 4.21 13.03 7.27
C GLY B 31 4.77 12.64 5.93
N ASP B 32 4.90 11.33 5.73
CA ASP B 32 5.31 10.78 4.46
C ASP B 32 4.09 10.58 3.57
N PRO B 33 4.16 11.08 2.35
CA PRO B 33 3.15 10.84 1.37
C PRO B 33 3.39 9.54 0.65
N LEU B 34 2.34 8.90 0.23
CA LEU B 34 2.47 7.72 -0.58
C LEU B 34 1.46 7.76 -1.71
N GLU B 35 1.85 7.18 -2.81
CA GLU B 35 1.01 7.17 -3.98
C GLU B 35 0.43 5.80 -4.11
N ILE B 36 -0.86 5.68 -3.92
CA ILE B 36 -1.55 4.42 -3.98
C ILE B 36 -1.95 4.14 -5.43
N PHE B 37 -1.28 3.17 -6.03
CA PHE B 37 -1.64 2.73 -7.37
C PHE B 37 -1.30 1.27 -7.55
N VAL B 38 -2.22 0.51 -8.07
CA VAL B 38 -1.99 -0.92 -8.25
C VAL B 38 -1.17 -1.17 -9.50
N ASP B 39 -0.28 -2.14 -9.42
CA ASP B 39 0.65 -2.42 -10.49
C ASP B 39 0.09 -3.47 -11.45
N ARG B 40 -0.42 -4.55 -10.90
CA ARG B 40 -0.75 -5.72 -11.68
C ARG B 40 -2.12 -6.29 -11.36
N ASP B 41 -2.14 -7.36 -10.57
CA ASP B 41 -3.40 -8.04 -10.26
C ASP B 41 -4.12 -7.35 -9.12
N GLY B 42 -3.57 -7.49 -7.93
CA GLY B 42 -4.14 -6.86 -6.76
C GLY B 42 -3.08 -6.32 -5.86
N GLU B 43 -1.94 -6.01 -6.46
CA GLU B 43 -0.83 -5.44 -5.71
C GLU B 43 -0.91 -3.92 -5.78
N VAL B 44 -1.24 -3.30 -4.67
CA VAL B 44 -1.30 -1.86 -4.61
C VAL B 44 0.06 -1.32 -4.23
N ILE B 45 0.52 -0.36 -4.97
CA ILE B 45 1.84 0.19 -4.74
C ILE B 45 1.67 1.58 -4.17
N LEU B 46 2.17 1.79 -2.97
CA LEU B 46 2.15 3.09 -2.34
C LEU B 46 3.55 3.64 -2.28
N LYS B 47 3.83 4.73 -2.96
CA LYS B 47 5.20 5.25 -2.96
C LYS B 47 5.27 6.72 -2.54
N LYS B 48 6.40 7.07 -1.93
CA LYS B 48 6.63 8.34 -1.20
C LYS B 48 6.10 9.63 -1.83
N TYR B 49 5.71 9.63 -3.09
CA TYR B 49 5.04 10.78 -3.74
C TYR B 49 5.99 11.93 -4.00
N SER B 50 6.64 12.42 -2.95
CA SER B 50 7.49 13.60 -3.02
C SER B 50 8.51 13.46 -4.16
N PRO B 51 9.30 12.37 -4.21
CA PRO B 51 10.14 12.06 -5.35
C PRO B 51 9.43 11.16 -6.36
N ILE B 52 8.11 11.06 -6.20
CA ILE B 52 7.29 10.19 -7.03
C ILE B 52 7.89 8.79 -7.10
N SER B 53 7.78 8.12 -8.23
CA SER B 53 8.40 6.82 -8.38
C SER B 53 9.86 6.98 -8.78
N GLU B 54 10.71 7.30 -7.80
CA GLU B 54 12.14 7.45 -8.03
C GLU B 54 12.42 8.64 -8.95
N LEU B 55 12.51 9.83 -8.34
CA LEU B 55 12.73 11.06 -9.09
C LEU B 55 14.16 11.09 -9.60
N MET A 1 -4.20 0.32 -18.62
CA MET A 1 -3.60 -0.47 -17.52
C MET A 1 -4.26 -0.07 -16.20
N LYS A 2 -3.69 -0.52 -15.10
CA LYS A 2 -4.16 -0.08 -13.80
C LYS A 2 -3.57 1.28 -13.45
N ALA A 3 -2.94 1.35 -12.29
CA ALA A 3 -2.34 2.59 -11.80
C ALA A 3 -3.39 3.66 -11.50
N THR A 4 -3.62 3.89 -10.22
CA THR A 4 -4.60 4.87 -9.79
C THR A 4 -3.95 6.20 -9.47
N GLY A 5 -2.85 6.15 -8.73
CA GLY A 5 -2.09 7.36 -8.47
C GLY A 5 -2.81 8.32 -7.53
N ILE A 6 -3.29 7.80 -6.42
CA ILE A 6 -3.87 8.63 -5.38
C ILE A 6 -2.89 8.73 -4.23
N VAL A 7 -2.36 9.92 -4.01
CA VAL A 7 -1.38 10.11 -2.96
C VAL A 7 -2.06 10.33 -1.62
N ARG A 8 -1.55 9.64 -0.61
CA ARG A 8 -2.10 9.65 0.72
C ARG A 8 -0.97 9.91 1.70
N ARG A 9 -1.04 10.99 2.45
CA ARG A 9 -0.10 11.20 3.53
C ARG A 9 -0.54 10.36 4.72
N ILE A 10 0.23 9.30 4.97
CA ILE A 10 -0.01 8.31 6.04
C ILE A 10 -1.02 8.77 7.11
N ASP A 11 -0.50 9.16 8.28
CA ASP A 11 -1.29 9.72 9.38
C ASP A 11 -0.45 9.65 10.63
N ASP A 12 -1.10 9.73 11.77
CA ASP A 12 -0.40 9.71 13.07
C ASP A 12 0.16 8.31 13.35
N LEU A 13 -0.41 7.30 12.70
CA LEU A 13 0.03 5.93 12.89
C LEU A 13 0.87 5.49 11.69
N GLY A 14 0.28 5.49 10.50
CA GLY A 14 0.99 5.06 9.32
C GLY A 14 0.09 4.33 8.33
N ARG A 15 -1.22 4.45 8.49
CA ARG A 15 -2.13 3.76 7.60
C ARG A 15 -2.10 4.38 6.22
N VAL A 16 -2.25 3.55 5.23
CA VAL A 16 -2.49 4.02 3.91
C VAL A 16 -3.95 3.83 3.62
N VAL A 17 -4.71 4.88 3.87
CA VAL A 17 -6.15 4.81 3.78
C VAL A 17 -6.59 4.59 2.34
N ILE A 18 -6.86 3.33 2.01
CA ILE A 18 -7.20 2.95 0.65
C ILE A 18 -8.71 2.82 0.48
N PRO A 19 -9.29 3.74 -0.30
CA PRO A 19 -10.70 3.69 -0.66
C PRO A 19 -11.19 2.32 -1.11
N LYS A 20 -12.45 2.05 -0.86
CA LYS A 20 -13.09 0.82 -1.29
C LYS A 20 -13.14 0.74 -2.81
N GLU A 21 -12.86 1.82 -3.51
CA GLU A 21 -12.83 1.78 -4.98
C GLU A 21 -11.68 0.88 -5.47
N ILE A 22 -10.66 0.68 -4.63
CA ILE A 22 -9.55 -0.17 -5.01
C ILE A 22 -9.87 -1.61 -4.63
N ARG A 23 -10.41 -1.78 -3.41
CA ARG A 23 -10.93 -3.08 -2.97
C ARG A 23 -12.07 -3.49 -3.91
N ARG A 24 -12.68 -2.47 -4.48
CA ARG A 24 -13.70 -2.63 -5.48
C ARG A 24 -13.15 -3.29 -6.72
N THR A 25 -12.06 -2.76 -7.27
CA THR A 25 -11.37 -3.41 -8.38
C THR A 25 -10.84 -4.78 -7.95
N LEU A 26 -10.48 -4.89 -6.67
CA LEU A 26 -10.06 -6.17 -6.08
C LEU A 26 -11.20 -7.16 -6.14
N ARG A 27 -12.41 -6.63 -6.30
CA ARG A 27 -13.63 -7.41 -6.33
C ARG A 27 -13.89 -8.03 -4.96
N ILE A 28 -13.32 -7.38 -3.96
CA ILE A 28 -13.42 -7.81 -2.58
C ILE A 28 -13.99 -6.66 -1.75
N ARG A 29 -13.93 -6.74 -0.43
CA ARG A 29 -14.54 -5.73 0.42
C ARG A 29 -13.71 -5.44 1.65
N GLU A 30 -14.37 -4.90 2.67
CA GLU A 30 -13.72 -4.55 3.94
C GLU A 30 -13.39 -5.78 4.77
N GLY A 31 -12.79 -6.74 4.08
CA GLY A 31 -12.29 -7.95 4.67
C GLY A 31 -11.32 -8.64 3.73
N ASP A 32 -10.74 -7.82 2.87
CA ASP A 32 -9.68 -8.25 1.95
C ASP A 32 -8.34 -8.12 2.64
N PRO A 33 -7.53 -9.16 2.59
CA PRO A 33 -6.19 -9.11 3.10
C PRO A 33 -5.25 -8.49 2.10
N LEU A 34 -4.18 -7.90 2.57
CA LEU A 34 -3.16 -7.44 1.67
C LEU A 34 -1.81 -7.70 2.27
N GLU A 35 -0.85 -7.90 1.40
CA GLU A 35 0.51 -8.19 1.80
C GLU A 35 1.31 -6.96 1.59
N ILE A 36 1.74 -6.35 2.67
CA ILE A 36 2.52 -5.13 2.63
C ILE A 36 3.99 -5.48 2.49
N PHE A 37 4.54 -5.22 1.33
CA PHE A 37 5.95 -5.45 1.10
C PHE A 37 6.47 -4.45 0.09
N VAL A 38 7.54 -3.76 0.45
CA VAL A 38 8.12 -2.78 -0.45
C VAL A 38 9.02 -3.45 -1.47
N ASP A 39 8.81 -3.04 -2.72
CA ASP A 39 9.46 -3.66 -3.86
C ASP A 39 10.88 -3.15 -4.03
N ARG A 40 11.01 -1.83 -4.02
CA ARG A 40 12.25 -1.20 -4.44
C ARG A 40 12.72 -0.12 -3.48
N ASP A 41 12.41 1.13 -3.79
CA ASP A 41 12.91 2.26 -3.00
C ASP A 41 11.99 2.57 -1.84
N GLY A 42 10.83 3.10 -2.17
CA GLY A 42 9.87 3.46 -1.15
C GLY A 42 8.47 3.12 -1.57
N GLU A 43 8.36 2.18 -2.50
CA GLU A 43 7.08 1.73 -3.00
C GLU A 43 6.65 0.50 -2.23
N VAL A 44 5.59 0.62 -1.45
CA VAL A 44 5.06 -0.50 -0.72
C VAL A 44 4.00 -1.18 -1.56
N ILE A 45 4.10 -2.47 -1.66
CA ILE A 45 3.20 -3.25 -2.49
C ILE A 45 2.31 -4.05 -1.58
N LEU A 46 1.01 -3.80 -1.65
CA LEU A 46 0.04 -4.52 -0.86
C LEU A 46 -0.83 -5.38 -1.77
N LYS A 47 -0.78 -6.68 -1.62
CA LYS A 47 -1.63 -7.51 -2.46
C LYS A 47 -2.48 -8.48 -1.65
N LYS A 48 -3.61 -8.85 -2.24
CA LYS A 48 -4.72 -9.59 -1.60
C LYS A 48 -4.36 -10.74 -0.65
N TYR A 49 -3.13 -11.24 -0.71
CA TYR A 49 -2.63 -12.25 0.24
C TYR A 49 -3.19 -13.65 -0.03
N SER A 50 -4.52 -13.74 -0.10
CA SER A 50 -5.21 -15.02 -0.30
C SER A 50 -4.63 -15.78 -1.51
N PRO A 51 -4.49 -15.12 -2.68
CA PRO A 51 -3.79 -15.70 -3.82
C PRO A 51 -2.33 -15.29 -3.86
N ILE A 52 -1.88 -14.65 -2.77
CA ILE A 52 -0.54 -14.09 -2.67
C ILE A 52 -0.29 -13.17 -3.86
N SER A 53 0.95 -13.06 -4.31
CA SER A 53 1.25 -12.29 -5.51
C SER A 53 0.90 -13.12 -6.73
N GLU A 54 -0.37 -12.99 -7.18
CA GLU A 54 -1.00 -13.82 -8.22
C GLU A 54 -0.89 -15.32 -7.89
N LEU A 55 0.34 -15.83 -7.85
CA LEU A 55 0.65 -17.20 -7.42
C LEU A 55 2.03 -17.56 -7.95
N MET B 1 16.75 -8.14 -0.17
CA MET B 1 16.25 -7.19 -1.20
C MET B 1 14.83 -6.75 -0.84
N LYS B 2 14.73 -5.90 0.20
CA LYS B 2 13.44 -5.43 0.74
C LYS B 2 12.42 -6.56 0.86
N ALA B 3 11.16 -6.23 0.59
CA ALA B 3 10.04 -7.16 0.77
C ALA B 3 9.83 -7.49 2.25
N THR B 4 8.78 -6.94 2.82
CA THR B 4 8.47 -7.16 4.22
C THR B 4 7.47 -8.30 4.41
N GLY B 5 6.41 -8.27 3.64
CA GLY B 5 5.46 -9.36 3.64
C GLY B 5 4.62 -9.41 4.91
N ILE B 6 4.08 -8.26 5.28
CA ILE B 6 3.17 -8.20 6.41
C ILE B 6 1.75 -8.01 5.88
N VAL B 7 0.93 -9.01 6.06
CA VAL B 7 -0.44 -8.95 5.58
C VAL B 7 -1.34 -8.23 6.57
N ARG B 8 -2.21 -7.36 6.05
CA ARG B 8 -3.13 -6.61 6.85
C ARG B 8 -4.50 -6.70 6.16
N ARG B 9 -5.50 -7.17 6.89
CA ARG B 9 -6.85 -7.17 6.37
C ARG B 9 -7.44 -5.80 6.59
N ILE B 10 -7.50 -5.01 5.51
CA ILE B 10 -7.98 -3.61 5.49
C ILE B 10 -8.64 -3.13 6.79
N ASP B 11 -9.97 -3.00 6.76
CA ASP B 11 -10.79 -2.62 7.91
C ASP B 11 -12.12 -2.18 7.37
N ASP B 12 -12.96 -1.57 8.18
CA ASP B 12 -14.30 -1.17 7.73
C ASP B 12 -14.23 0.07 6.86
N LEU B 13 -13.04 0.62 6.71
CA LEU B 13 -12.80 1.74 5.83
C LEU B 13 -12.04 1.26 4.59
N GLY B 14 -10.84 0.75 4.80
CA GLY B 14 -10.00 0.33 3.70
C GLY B 14 -8.56 0.73 3.91
N ARG B 15 -8.19 1.06 5.15
CA ARG B 15 -6.83 1.46 5.44
C ARG B 15 -5.90 0.28 5.34
N VAL B 16 -4.72 0.53 4.84
CA VAL B 16 -3.66 -0.43 4.93
C VAL B 16 -2.72 0.06 6.00
N VAL B 17 -2.92 -0.44 7.22
CA VAL B 17 -2.23 0.07 8.38
C VAL B 17 -0.74 -0.26 8.28
N ILE B 18 0.03 0.70 7.84
CA ILE B 18 1.46 0.52 7.64
C ILE B 18 2.23 1.03 8.85
N PRO B 19 2.87 0.11 9.57
CA PRO B 19 3.76 0.45 10.68
C PRO B 19 4.83 1.48 10.30
N LYS B 20 5.28 2.18 11.30
CA LYS B 20 6.31 3.19 11.15
C LYS B 20 7.65 2.54 10.81
N GLU B 21 7.77 1.22 10.97
CA GLU B 21 9.00 0.56 10.60
C GLU B 21 9.22 0.59 9.08
N ILE B 22 8.15 0.83 8.32
CA ILE B 22 8.30 0.95 6.88
C ILE B 22 8.59 2.39 6.52
N ARG B 23 7.85 3.32 7.14
CA ARG B 23 8.13 4.77 7.04
C ARG B 23 9.53 5.02 7.57
N ARG B 24 9.94 4.13 8.45
CA ARG B 24 11.28 4.12 8.98
C ARG B 24 12.30 3.84 7.90
N THR B 25 12.12 2.76 7.13
CA THR B 25 12.99 2.51 5.98
C THR B 25 12.84 3.62 4.95
N LEU B 26 11.66 4.23 4.89
CA LEU B 26 11.41 5.38 4.03
C LEU B 26 12.28 6.55 4.46
N ARG B 27 12.75 6.48 5.71
CA ARG B 27 13.56 7.53 6.32
C ARG B 27 12.72 8.76 6.54
N ILE B 28 11.41 8.54 6.65
CA ILE B 28 10.44 9.61 6.81
C ILE B 28 9.58 9.34 8.05
N ARG B 29 8.43 9.98 8.16
CA ARG B 29 7.63 9.90 9.37
C ARG B 29 6.14 10.01 9.09
N GLU B 30 5.38 10.34 10.13
CA GLU B 30 3.92 10.46 10.05
C GLU B 30 3.48 11.69 9.24
N GLY B 31 4.22 11.98 8.18
CA GLY B 31 3.86 13.01 7.25
C GLY B 31 4.42 12.69 5.88
N ASP B 32 4.76 11.42 5.70
CA ASP B 32 5.21 10.92 4.41
C ASP B 32 4.01 10.70 3.50
N PRO B 33 4.07 11.24 2.30
CA PRO B 33 3.08 11.00 1.29
C PRO B 33 3.34 9.71 0.58
N LEU B 34 2.30 9.06 0.12
CA LEU B 34 2.47 7.88 -0.68
C LEU B 34 1.52 7.93 -1.86
N GLU B 35 1.93 7.31 -2.92
CA GLU B 35 1.13 7.26 -4.12
C GLU B 35 0.56 5.89 -4.23
N ILE B 36 -0.75 5.80 -4.09
CA ILE B 36 -1.46 4.55 -4.14
C ILE B 36 -1.83 4.24 -5.58
N PHE B 37 -1.19 3.25 -6.16
CA PHE B 37 -1.55 2.81 -7.49
C PHE B 37 -1.26 1.32 -7.62
N VAL B 38 -2.22 0.59 -8.13
CA VAL B 38 -2.05 -0.84 -8.30
C VAL B 38 -1.30 -1.15 -9.59
N ASP B 39 -0.34 -2.06 -9.45
CA ASP B 39 0.57 -2.41 -10.52
C ASP B 39 -0.07 -3.39 -11.50
N ARG B 40 -0.63 -4.46 -10.96
CA ARG B 40 -1.08 -5.56 -11.78
C ARG B 40 -2.47 -6.04 -11.39
N ASP B 41 -2.54 -7.18 -10.72
CA ASP B 41 -3.81 -7.79 -10.36
C ASP B 41 -4.43 -7.10 -9.15
N GLY B 42 -3.82 -7.30 -8.00
CA GLY B 42 -4.35 -6.74 -6.78
C GLY B 42 -3.26 -6.21 -5.89
N GLU B 43 -2.13 -5.86 -6.49
CA GLU B 43 -1.02 -5.30 -5.74
C GLU B 43 -1.08 -3.79 -5.79
N VAL B 44 -1.32 -3.16 -4.66
CA VAL B 44 -1.30 -1.71 -4.60
C VAL B 44 0.09 -1.24 -4.23
N ILE B 45 0.59 -0.29 -4.99
CA ILE B 45 1.93 0.23 -4.80
C ILE B 45 1.81 1.63 -4.26
N LEU B 46 2.34 1.84 -3.07
CA LEU B 46 2.33 3.14 -2.43
C LEU B 46 3.74 3.67 -2.32
N LYS B 47 4.05 4.77 -2.97
CA LYS B 47 5.42 5.30 -2.86
C LYS B 47 5.43 6.76 -2.43
N LYS B 48 6.54 7.16 -1.81
CA LYS B 48 6.69 8.41 -1.06
C LYS B 48 6.22 9.71 -1.75
N TYR B 49 5.85 9.64 -3.03
CA TYR B 49 5.21 10.76 -3.72
C TYR B 49 6.18 11.89 -4.05
N SER B 50 6.88 12.37 -3.03
CA SER B 50 7.77 13.50 -3.14
C SER B 50 8.74 13.34 -4.33
N PRO B 51 9.47 12.20 -4.42
CA PRO B 51 10.27 11.88 -5.61
C PRO B 51 9.49 11.01 -6.58
N ILE B 52 8.19 10.91 -6.35
CA ILE B 52 7.30 10.04 -7.12
C ILE B 52 7.88 8.64 -7.20
N SER B 53 7.70 7.96 -8.31
CA SER B 53 8.31 6.65 -8.49
C SER B 53 9.79 6.77 -8.82
N GLU B 54 10.59 7.10 -7.80
CA GLU B 54 12.05 7.26 -7.90
C GLU B 54 12.48 8.16 -9.08
N LEU B 55 11.55 9.01 -9.53
CA LEU B 55 11.78 9.94 -10.63
C LEU B 55 12.35 9.23 -11.86
N MET A 1 -4.94 -1.13 -18.45
CA MET A 1 -3.82 -0.66 -17.59
C MET A 1 -4.32 -0.26 -16.22
N LYS A 2 -3.43 -0.29 -15.24
CA LYS A 2 -3.77 0.10 -13.89
C LYS A 2 -3.10 1.41 -13.53
N ALA A 3 -2.52 1.47 -12.35
CA ALA A 3 -1.88 2.67 -11.82
C ALA A 3 -2.89 3.78 -11.58
N THR A 4 -3.34 3.90 -10.35
CA THR A 4 -4.33 4.89 -9.98
C THR A 4 -3.68 6.22 -9.62
N GLY A 5 -2.63 6.16 -8.81
CA GLY A 5 -1.85 7.34 -8.53
C GLY A 5 -2.56 8.31 -7.60
N ILE A 6 -3.09 7.78 -6.51
CA ILE A 6 -3.70 8.62 -5.50
C ILE A 6 -2.79 8.69 -4.29
N VAL A 7 -2.15 9.83 -4.11
CA VAL A 7 -1.26 10.01 -2.98
C VAL A 7 -2.05 10.22 -1.70
N ARG A 8 -1.60 9.56 -0.65
CA ARG A 8 -2.20 9.62 0.65
C ARG A 8 -1.08 9.89 1.65
N ARG A 9 -1.12 11.02 2.32
CA ARG A 9 -0.13 11.26 3.34
C ARG A 9 -0.59 10.57 4.61
N ILE A 10 0.04 9.41 4.87
CA ILE A 10 -0.24 8.51 6.00
C ILE A 10 -1.24 9.09 7.04
N ASP A 11 -0.71 9.53 8.19
CA ASP A 11 -1.50 10.17 9.24
C ASP A 11 -0.71 10.14 10.53
N ASP A 12 -1.41 10.12 11.67
CA ASP A 12 -0.77 10.16 12.97
C ASP A 12 -0.22 8.77 13.35
N LEU A 13 -0.57 7.75 12.58
CA LEU A 13 -0.13 6.40 12.89
C LEU A 13 0.74 5.87 11.75
N GLY A 14 0.19 5.83 10.55
CA GLY A 14 0.92 5.31 9.42
C GLY A 14 0.07 4.43 8.50
N ARG A 15 -1.26 4.53 8.61
CA ARG A 15 -2.11 3.76 7.71
C ARG A 15 -2.14 4.41 6.35
N VAL A 16 -2.33 3.60 5.34
CA VAL A 16 -2.57 4.11 4.02
C VAL A 16 -4.02 3.89 3.70
N VAL A 17 -4.80 4.93 3.91
CA VAL A 17 -6.24 4.82 3.78
C VAL A 17 -6.61 4.61 2.32
N ILE A 18 -6.90 3.37 1.99
CA ILE A 18 -7.22 2.99 0.62
C ILE A 18 -8.72 3.02 0.38
N PRO A 19 -9.18 3.93 -0.50
CA PRO A 19 -10.56 3.98 -0.96
C PRO A 19 -11.11 2.61 -1.34
N LYS A 20 -12.38 2.43 -1.05
CA LYS A 20 -13.06 1.19 -1.39
C LYS A 20 -13.02 0.92 -2.88
N GLU A 21 -12.70 1.94 -3.68
CA GLU A 21 -12.69 1.79 -5.13
C GLU A 21 -11.56 0.86 -5.60
N ILE A 22 -10.55 0.68 -4.77
CA ILE A 22 -9.43 -0.19 -5.14
C ILE A 22 -9.79 -1.60 -4.74
N ARG A 23 -10.22 -1.75 -3.49
CA ARG A 23 -10.83 -2.98 -3.01
C ARG A 23 -11.96 -3.40 -3.95
N ARG A 24 -12.62 -2.40 -4.49
CA ARG A 24 -13.69 -2.60 -5.46
C ARG A 24 -13.18 -3.30 -6.70
N THR A 25 -12.10 -2.78 -7.29
CA THR A 25 -11.48 -3.46 -8.43
C THR A 25 -10.90 -4.81 -7.99
N LEU A 26 -10.51 -4.89 -6.72
CA LEU A 26 -10.03 -6.13 -6.12
C LEU A 26 -11.13 -7.19 -6.07
N ARG A 27 -12.38 -6.74 -6.19
CA ARG A 27 -13.56 -7.61 -6.05
C ARG A 27 -13.77 -8.02 -4.60
N ILE A 28 -13.08 -7.33 -3.70
CA ILE A 28 -13.11 -7.67 -2.29
C ILE A 28 -13.88 -6.61 -1.52
N ARG A 29 -13.63 -6.49 -0.23
CA ARG A 29 -14.35 -5.58 0.65
C ARG A 29 -13.57 -5.35 1.93
N GLU A 30 -14.26 -5.02 3.00
CA GLU A 30 -13.65 -4.80 4.31
C GLU A 30 -13.18 -6.11 4.93
N GLY A 31 -12.54 -6.90 4.09
CA GLY A 31 -11.96 -8.16 4.50
C GLY A 31 -10.93 -8.62 3.50
N ASP A 32 -10.23 -7.65 2.92
CA ASP A 32 -9.14 -7.91 1.98
C ASP A 32 -7.82 -7.91 2.72
N PRO A 33 -7.12 -9.04 2.68
CA PRO A 33 -5.86 -9.24 3.38
C PRO A 33 -4.65 -8.81 2.59
N LEU A 34 -4.51 -7.56 2.28
CA LEU A 34 -3.38 -7.19 1.48
C LEU A 34 -2.05 -7.43 2.20
N GLU A 35 -1.04 -7.61 1.38
CA GLU A 35 0.29 -7.98 1.83
C GLU A 35 1.19 -6.79 1.63
N ILE A 36 1.67 -6.23 2.72
CA ILE A 36 2.53 -5.06 2.66
C ILE A 36 3.96 -5.50 2.44
N PHE A 37 4.48 -5.23 1.27
CA PHE A 37 5.86 -5.52 0.97
C PHE A 37 6.39 -4.51 -0.03
N VAL A 38 7.42 -3.80 0.34
CA VAL A 38 8.02 -2.81 -0.54
C VAL A 38 8.93 -3.48 -1.54
N ASP A 39 8.82 -3.04 -2.78
CA ASP A 39 9.52 -3.68 -3.89
C ASP A 39 10.92 -3.12 -4.05
N ARG A 40 11.05 -1.81 -3.90
CA ARG A 40 12.23 -1.11 -4.38
C ARG A 40 12.83 -0.17 -3.34
N ASP A 41 12.26 1.01 -3.23
CA ASP A 41 12.77 2.04 -2.34
C ASP A 41 11.71 2.45 -1.36
N GLY A 42 10.67 3.05 -1.89
CA GLY A 42 9.59 3.53 -1.06
C GLY A 42 8.25 3.14 -1.61
N GLU A 43 8.26 2.22 -2.58
CA GLU A 43 7.02 1.72 -3.14
C GLU A 43 6.61 0.47 -2.39
N VAL A 44 5.60 0.60 -1.56
CA VAL A 44 5.08 -0.52 -0.81
C VAL A 44 4.00 -1.20 -1.63
N ILE A 45 4.09 -2.49 -1.74
CA ILE A 45 3.17 -3.24 -2.55
C ILE A 45 2.28 -4.04 -1.62
N LEU A 46 0.99 -3.73 -1.67
CA LEU A 46 -0.01 -4.43 -0.86
C LEU A 46 -0.82 -5.34 -1.75
N LYS A 47 -0.78 -6.64 -1.53
CA LYS A 47 -1.59 -7.54 -2.35
C LYS A 47 -2.43 -8.51 -1.52
N LYS A 48 -3.63 -8.76 -2.04
CA LYS A 48 -4.73 -9.49 -1.38
C LYS A 48 -4.38 -10.74 -0.51
N TYR A 49 -3.16 -11.24 -0.60
CA TYR A 49 -2.66 -12.35 0.23
C TYR A 49 -3.30 -13.69 -0.10
N SER A 50 -4.62 -13.74 -0.02
CA SER A 50 -5.38 -14.97 -0.19
C SER A 50 -5.02 -15.69 -1.50
N PRO A 51 -5.06 -15.02 -2.67
CA PRO A 51 -4.51 -15.55 -3.91
C PRO A 51 -3.04 -15.15 -4.09
N ILE A 52 -2.47 -14.59 -3.03
CA ILE A 52 -1.11 -14.06 -3.04
C ILE A 52 -0.97 -13.03 -4.17
N SER A 53 0.21 -12.92 -4.77
CA SER A 53 0.42 -11.98 -5.88
C SER A 53 -0.18 -12.51 -7.16
N GLU A 54 -0.44 -13.80 -7.11
CA GLU A 54 -0.87 -14.59 -8.26
C GLU A 54 -0.80 -16.03 -7.84
N LEU A 55 0.40 -16.42 -7.39
CA LEU A 55 0.67 -17.69 -6.73
C LEU A 55 2.17 -17.95 -6.73
N MET B 1 17.64 -5.71 -0.71
CA MET B 1 16.59 -6.75 -0.84
C MET B 1 15.46 -6.49 0.13
N LYS B 2 14.33 -6.01 -0.37
CA LYS B 2 13.20 -5.70 0.48
C LYS B 2 12.19 -6.84 0.48
N ALA B 3 10.93 -6.48 0.28
CA ALA B 3 9.81 -7.41 0.35
C ALA B 3 9.58 -7.89 1.79
N THR B 4 8.76 -7.13 2.51
CA THR B 4 8.49 -7.40 3.91
C THR B 4 7.47 -8.51 4.08
N GLY B 5 6.38 -8.43 3.32
CA GLY B 5 5.39 -9.48 3.32
C GLY B 5 4.57 -9.52 4.61
N ILE B 6 4.09 -8.37 5.02
CA ILE B 6 3.22 -8.30 6.19
C ILE B 6 1.79 -8.05 5.73
N VAL B 7 0.97 -9.07 5.83
CA VAL B 7 -0.41 -8.98 5.41
C VAL B 7 -1.24 -8.25 6.45
N ARG B 8 -2.09 -7.33 6.00
CA ARG B 8 -2.97 -6.59 6.85
C ARG B 8 -4.36 -6.65 6.23
N ARG B 9 -5.30 -7.26 6.92
CA ARG B 9 -6.67 -7.25 6.43
C ARG B 9 -7.28 -5.92 6.76
N ILE B 10 -7.38 -5.10 5.72
CA ILE B 10 -7.87 -3.70 5.77
C ILE B 10 -8.52 -3.30 7.10
N ASP B 11 -9.86 -3.19 7.10
CA ASP B 11 -10.63 -2.83 8.29
C ASP B 11 -12.02 -2.46 7.83
N ASP B 12 -12.80 -1.81 8.69
CA ASP B 12 -14.16 -1.43 8.34
C ASP B 12 -14.18 -0.27 7.33
N LEU B 13 -13.02 0.33 7.11
CA LEU B 13 -12.90 1.44 6.19
C LEU B 13 -12.15 1.02 4.91
N GLY B 14 -10.90 0.62 5.07
CA GLY B 14 -10.10 0.26 3.93
C GLY B 14 -8.67 0.76 4.05
N ARG B 15 -8.23 1.02 5.27
CA ARG B 15 -6.88 1.45 5.49
C ARG B 15 -5.93 0.28 5.36
N VAL B 16 -4.73 0.59 4.94
CA VAL B 16 -3.65 -0.35 5.02
C VAL B 16 -2.71 0.13 6.09
N VAL B 17 -2.93 -0.35 7.30
CA VAL B 17 -2.21 0.14 8.45
C VAL B 17 -0.74 -0.25 8.34
N ILE B 18 0.06 0.70 7.89
CA ILE B 18 1.48 0.48 7.68
C ILE B 18 2.28 0.86 8.91
N PRO B 19 2.87 -0.14 9.57
CA PRO B 19 3.79 0.07 10.69
C PRO B 19 4.86 1.10 10.38
N LYS B 20 5.26 1.83 11.40
CA LYS B 20 6.25 2.88 11.25
C LYS B 20 7.61 2.33 10.83
N GLU B 21 7.80 1.02 10.95
CA GLU B 21 9.04 0.37 10.51
C GLU B 21 9.26 0.51 9.00
N ILE B 22 8.18 0.70 8.25
CA ILE B 22 8.30 0.81 6.81
C ILE B 22 8.59 2.25 6.47
N ARG B 23 7.77 3.14 7.02
CA ARG B 23 8.01 4.57 6.97
C ARG B 23 9.39 4.90 7.56
N ARG B 24 9.82 4.05 8.48
CA ARG B 24 11.16 4.13 9.05
C ARG B 24 12.21 3.90 7.99
N THR B 25 12.10 2.79 7.26
CA THR B 25 13.06 2.51 6.20
C THR B 25 12.91 3.53 5.08
N LEU B 26 11.73 4.13 5.02
CA LEU B 26 11.45 5.22 4.10
C LEU B 26 12.24 6.47 4.48
N ARG B 27 12.71 6.50 5.74
CA ARG B 27 13.39 7.66 6.32
C ARG B 27 12.41 8.81 6.52
N ILE B 28 11.13 8.47 6.55
CA ILE B 28 10.06 9.45 6.67
C ILE B 28 9.31 9.22 7.98
N ARG B 29 8.13 9.79 8.10
CA ARG B 29 7.37 9.77 9.34
C ARG B 29 5.89 9.95 9.07
N GLU B 30 5.18 10.52 10.04
CA GLU B 30 3.74 10.76 9.93
C GLU B 30 3.44 11.91 8.99
N GLY B 31 4.23 11.97 7.94
CA GLY B 31 4.04 12.93 6.88
C GLY B 31 4.64 12.40 5.59
N ASP B 32 4.46 11.11 5.38
CA ASP B 32 4.89 10.46 4.14
C ASP B 32 3.72 10.36 3.17
N PRO B 33 3.87 10.99 2.01
CA PRO B 33 2.85 11.03 0.98
C PRO B 33 2.89 9.85 0.04
N LEU B 34 2.44 8.72 0.45
CA LEU B 34 2.52 7.60 -0.44
C LEU B 34 1.52 7.73 -1.58
N GLU B 35 1.90 7.16 -2.70
CA GLU B 35 1.10 7.19 -3.90
C GLU B 35 0.49 5.84 -4.07
N ILE B 36 -0.82 5.77 -3.99
CA ILE B 36 -1.54 4.51 -4.11
C ILE B 36 -1.84 4.24 -5.57
N PHE B 37 -1.15 3.27 -6.13
CA PHE B 37 -1.43 2.85 -7.48
C PHE B 37 -1.11 1.37 -7.65
N VAL B 38 -2.08 0.61 -8.13
CA VAL B 38 -1.89 -0.81 -8.31
C VAL B 38 -1.12 -1.08 -9.58
N ASP B 39 -0.19 -2.02 -9.48
CA ASP B 39 0.68 -2.38 -10.59
C ASP B 39 -0.04 -3.32 -11.54
N ARG B 40 -0.70 -4.34 -10.98
CA ARG B 40 -1.17 -5.46 -11.78
C ARG B 40 -2.62 -5.82 -11.46
N ASP B 41 -2.79 -6.75 -10.53
CA ASP B 41 -4.11 -7.25 -10.17
C ASP B 41 -4.57 -6.63 -8.87
N GLY B 42 -4.00 -7.12 -7.78
CA GLY B 42 -4.36 -6.63 -6.48
C GLY B 42 -3.16 -6.14 -5.71
N GLU B 43 -2.07 -5.88 -6.40
CA GLU B 43 -0.90 -5.34 -5.75
C GLU B 43 -0.93 -3.83 -5.84
N VAL B 44 -1.24 -3.18 -4.74
CA VAL B 44 -1.26 -1.74 -4.70
C VAL B 44 0.11 -1.24 -4.30
N ILE B 45 0.62 -0.29 -5.03
CA ILE B 45 1.95 0.22 -4.80
C ILE B 45 1.81 1.62 -4.23
N LEU B 46 2.29 1.78 -3.01
CA LEU B 46 2.27 3.07 -2.33
C LEU B 46 3.67 3.65 -2.26
N LYS B 47 3.92 4.78 -2.88
CA LYS B 47 5.27 5.34 -2.82
C LYS B 47 5.28 6.83 -2.41
N LYS B 48 6.35 7.20 -1.71
CA LYS B 48 6.53 8.49 -0.99
C LYS B 48 6.12 9.79 -1.72
N TYR B 49 5.78 9.72 -3.01
CA TYR B 49 5.25 10.86 -3.78
C TYR B 49 6.28 11.96 -4.04
N SER B 50 6.85 12.50 -2.96
CA SER B 50 7.74 13.65 -3.02
C SER B 50 8.86 13.42 -4.06
N PRO B 51 9.65 12.34 -3.95
CA PRO B 51 10.59 11.95 -5.00
C PRO B 51 9.93 11.07 -6.04
N ILE B 52 8.61 10.93 -5.93
CA ILE B 52 7.84 10.04 -6.78
C ILE B 52 8.40 8.62 -6.65
N SER B 53 8.34 7.81 -7.70
CA SER B 53 8.85 6.45 -7.63
C SER B 53 10.37 6.47 -7.67
N GLU B 54 10.87 7.57 -8.18
CA GLU B 54 12.28 7.79 -8.43
C GLU B 54 12.40 9.16 -9.06
N LEU B 55 11.64 9.34 -10.15
CA LEU B 55 11.38 10.65 -10.74
C LEU B 55 10.62 10.46 -12.05
N MET A 1 -3.47 -1.68 -17.02
CA MET A 1 -2.31 -1.01 -16.39
C MET A 1 -2.65 -0.48 -15.01
N LYS A 2 -3.95 -0.37 -14.72
CA LYS A 2 -4.43 0.20 -13.47
C LYS A 2 -3.80 1.54 -13.19
N ALA A 3 -2.98 1.57 -12.16
CA ALA A 3 -2.29 2.77 -11.70
C ALA A 3 -3.29 3.88 -11.34
N THR A 4 -3.69 3.88 -10.08
CA THR A 4 -4.65 4.86 -9.59
C THR A 4 -3.97 6.18 -9.26
N GLY A 5 -2.75 6.10 -8.75
CA GLY A 5 -1.95 7.27 -8.52
C GLY A 5 -2.63 8.25 -7.59
N ILE A 6 -3.13 7.75 -6.49
CA ILE A 6 -3.72 8.60 -5.47
C ILE A 6 -2.76 8.67 -4.29
N VAL A 7 -2.08 9.79 -4.18
CA VAL A 7 -1.15 9.99 -3.10
C VAL A 7 -1.90 10.27 -1.81
N ARG A 8 -1.48 9.63 -0.76
CA ARG A 8 -2.09 9.72 0.53
C ARG A 8 -0.97 9.96 1.54
N ARG A 9 -1.00 11.09 2.20
CA ARG A 9 -0.02 11.33 3.24
C ARG A 9 -0.47 10.57 4.48
N ILE A 10 0.18 9.42 4.71
CA ILE A 10 -0.12 8.48 5.81
C ILE A 10 -1.18 8.97 6.80
N ASP A 11 -0.74 9.38 8.00
CA ASP A 11 -1.61 9.92 9.03
C ASP A 11 -0.83 9.94 10.33
N ASP A 12 -1.52 10.06 11.45
CA ASP A 12 -0.85 10.12 12.75
C ASP A 12 -0.36 8.75 13.19
N LEU A 13 -0.72 7.72 12.45
CA LEU A 13 -0.29 6.36 12.75
C LEU A 13 0.62 5.81 11.66
N GLY A 14 0.13 5.75 10.43
CA GLY A 14 0.93 5.22 9.34
C GLY A 14 0.13 4.36 8.39
N ARG A 15 -1.19 4.41 8.47
CA ARG A 15 -2.03 3.68 7.53
C ARG A 15 -2.06 4.41 6.23
N VAL A 16 -2.31 3.69 5.17
CA VAL A 16 -2.64 4.33 3.94
C VAL A 16 -4.10 4.06 3.67
N VAL A 17 -4.87 5.11 3.74
CA VAL A 17 -6.28 4.99 3.63
C VAL A 17 -6.65 4.72 2.18
N ILE A 18 -6.82 3.44 1.87
CA ILE A 18 -7.16 3.00 0.54
C ILE A 18 -8.67 3.05 0.35
N PRO A 19 -9.14 3.99 -0.50
CA PRO A 19 -10.53 4.07 -0.90
C PRO A 19 -11.10 2.71 -1.32
N LYS A 20 -12.36 2.50 -1.00
CA LYS A 20 -13.02 1.24 -1.30
C LYS A 20 -13.03 0.96 -2.80
N GLU A 21 -12.75 1.97 -3.61
CA GLU A 21 -12.75 1.82 -5.07
C GLU A 21 -11.61 0.92 -5.55
N ILE A 22 -10.59 0.73 -4.73
CA ILE A 22 -9.49 -0.12 -5.12
C ILE A 22 -9.82 -1.54 -4.73
N ARG A 23 -10.34 -1.69 -3.52
CA ARG A 23 -10.89 -2.97 -3.07
C ARG A 23 -12.04 -3.36 -3.97
N ARG A 24 -12.71 -2.34 -4.48
CA ARG A 24 -13.78 -2.52 -5.42
C ARG A 24 -13.28 -3.21 -6.68
N THR A 25 -12.21 -2.69 -7.27
CA THR A 25 -11.57 -3.34 -8.41
C THR A 25 -10.94 -4.68 -7.97
N LEU A 26 -10.67 -4.80 -6.69
CA LEU A 26 -10.17 -6.04 -6.11
C LEU A 26 -11.29 -7.08 -6.06
N ARG A 27 -12.54 -6.61 -6.16
CA ARG A 27 -13.73 -7.45 -6.02
C ARG A 27 -13.84 -7.99 -4.59
N ILE A 28 -13.22 -7.27 -3.66
CA ILE A 28 -13.21 -7.69 -2.26
C ILE A 28 -13.99 -6.67 -1.42
N ARG A 29 -13.66 -6.57 -0.15
CA ARG A 29 -14.39 -5.75 0.80
C ARG A 29 -13.56 -5.49 2.04
N GLU A 30 -14.24 -5.19 3.14
CA GLU A 30 -13.57 -4.93 4.41
C GLU A 30 -13.07 -6.22 5.04
N GLY A 31 -12.48 -7.04 4.19
CA GLY A 31 -11.87 -8.28 4.61
C GLY A 31 -10.82 -8.73 3.61
N ASP A 32 -10.24 -7.76 2.91
CA ASP A 32 -9.16 -8.00 1.97
C ASP A 32 -7.82 -8.00 2.70
N PRO A 33 -7.09 -9.10 2.60
CA PRO A 33 -5.83 -9.31 3.30
C PRO A 33 -4.61 -8.85 2.53
N LEU A 34 -4.48 -7.60 2.23
CA LEU A 34 -3.32 -7.19 1.46
C LEU A 34 -2.01 -7.48 2.20
N GLU A 35 -0.99 -7.63 1.40
CA GLU A 35 0.33 -7.99 1.83
C GLU A 35 1.19 -6.78 1.69
N ILE A 36 1.66 -6.24 2.79
CA ILE A 36 2.49 -5.07 2.75
C ILE A 36 3.93 -5.47 2.55
N PHE A 37 4.45 -5.23 1.37
CA PHE A 37 5.84 -5.51 1.09
C PHE A 37 6.37 -4.53 0.06
N VAL A 38 7.38 -3.79 0.44
CA VAL A 38 7.95 -2.78 -0.44
C VAL A 38 8.90 -3.42 -1.44
N ASP A 39 8.79 -2.96 -2.68
CA ASP A 39 9.47 -3.59 -3.79
C ASP A 39 10.95 -3.25 -3.81
N ARG A 40 11.27 -2.00 -3.51
CA ARG A 40 12.62 -1.50 -3.73
C ARG A 40 13.02 -0.40 -2.74
N ASP A 41 12.48 0.81 -2.94
CA ASP A 41 12.88 1.94 -2.10
C ASP A 41 11.79 2.31 -1.12
N GLY A 42 10.75 2.93 -1.65
CA GLY A 42 9.68 3.42 -0.81
C GLY A 42 8.32 3.11 -1.39
N GLU A 43 8.32 2.23 -2.38
CA GLU A 43 7.09 1.76 -2.97
C GLU A 43 6.64 0.48 -2.29
N VAL A 44 5.61 0.59 -1.47
CA VAL A 44 5.06 -0.56 -0.78
C VAL A 44 4.03 -1.23 -1.66
N ILE A 45 4.10 -2.52 -1.73
CA ILE A 45 3.20 -3.28 -2.57
C ILE A 45 2.26 -4.06 -1.67
N LEU A 46 0.97 -3.77 -1.80
CA LEU A 46 -0.06 -4.42 -1.01
C LEU A 46 -0.78 -5.45 -1.86
N LYS A 47 -0.71 -6.68 -1.44
CA LYS A 47 -1.18 -7.80 -2.23
C LYS A 47 -2.27 -8.60 -1.50
N LYS A 48 -3.38 -8.87 -2.19
CA LYS A 48 -4.59 -9.52 -1.62
C LYS A 48 -4.34 -10.75 -0.73
N TYR A 49 -3.12 -11.28 -0.76
CA TYR A 49 -2.66 -12.38 0.09
C TYR A 49 -3.33 -13.73 -0.19
N SER A 50 -4.65 -13.74 -0.12
CA SER A 50 -5.43 -14.95 -0.23
C SER A 50 -5.10 -15.75 -1.51
N PRO A 51 -5.04 -15.09 -2.69
CA PRO A 51 -4.49 -15.71 -3.90
C PRO A 51 -3.01 -15.37 -4.07
N ILE A 52 -2.43 -14.78 -3.02
CA ILE A 52 -1.09 -14.22 -3.06
C ILE A 52 -1.01 -13.27 -4.25
N SER A 53 0.10 -13.26 -4.94
CA SER A 53 0.17 -12.55 -6.18
C SER A 53 0.20 -13.55 -7.34
N GLU A 54 -0.87 -13.53 -8.14
CA GLU A 54 -0.97 -14.34 -9.36
C GLU A 54 -1.20 -15.83 -9.08
N LEU A 55 -0.66 -16.32 -7.96
CA LEU A 55 -0.76 -17.73 -7.57
C LEU A 55 -0.05 -18.61 -8.59
N MET B 1 16.32 -6.35 -1.60
CA MET B 1 15.03 -6.72 -2.22
C MET B 1 13.86 -6.17 -1.40
N LYS B 2 14.15 -5.78 -0.16
CA LYS B 2 13.12 -5.39 0.80
C LYS B 2 12.13 -6.51 1.01
N ALA B 3 10.91 -6.27 0.58
CA ALA B 3 9.82 -7.24 0.70
C ALA B 3 9.57 -7.65 2.15
N THR B 4 8.68 -6.92 2.80
CA THR B 4 8.37 -7.17 4.19
C THR B 4 7.33 -8.28 4.36
N GLY B 5 6.40 -8.33 3.41
CA GLY B 5 5.42 -9.40 3.37
C GLY B 5 4.60 -9.48 4.63
N ILE B 6 4.08 -8.35 5.07
CA ILE B 6 3.20 -8.31 6.22
C ILE B 6 1.78 -8.11 5.74
N VAL B 7 1.00 -9.17 5.76
CA VAL B 7 -0.38 -9.11 5.34
C VAL B 7 -1.23 -8.42 6.39
N ARG B 8 -2.08 -7.50 5.95
CA ARG B 8 -2.96 -6.78 6.82
C ARG B 8 -4.35 -6.84 6.19
N ARG B 9 -5.31 -7.39 6.89
CA ARG B 9 -6.66 -7.37 6.39
C ARG B 9 -7.26 -6.00 6.65
N ILE B 10 -7.32 -5.19 5.58
CA ILE B 10 -7.76 -3.78 5.60
C ILE B 10 -8.33 -3.34 6.95
N ASP B 11 -9.66 -3.29 7.04
CA ASP B 11 -10.38 -2.99 8.28
C ASP B 11 -11.79 -2.60 7.91
N ASP B 12 -12.46 -1.86 8.76
CA ASP B 12 -13.82 -1.43 8.50
C ASP B 12 -13.84 -0.11 7.74
N LEU B 13 -12.75 0.20 7.06
CA LEU B 13 -12.69 1.39 6.23
C LEU B 13 -12.00 1.06 4.92
N GLY B 14 -10.79 0.54 5.00
CA GLY B 14 -10.02 0.23 3.82
C GLY B 14 -8.60 0.74 3.90
N ARG B 15 -8.17 1.16 5.09
CA ARG B 15 -6.79 1.57 5.28
C ARG B 15 -5.90 0.36 5.30
N VAL B 16 -4.68 0.56 4.91
CA VAL B 16 -3.67 -0.43 5.12
C VAL B 16 -2.74 0.10 6.17
N VAL B 17 -2.86 -0.47 7.35
CA VAL B 17 -2.14 0.03 8.48
C VAL B 17 -0.68 -0.34 8.36
N ILE B 18 0.09 0.59 7.84
CA ILE B 18 1.52 0.39 7.64
C ILE B 18 2.28 0.79 8.90
N PRO B 19 2.88 -0.21 9.56
CA PRO B 19 3.78 0.00 10.69
C PRO B 19 4.83 1.06 10.40
N LYS B 20 5.20 1.80 11.43
CA LYS B 20 6.20 2.85 11.29
C LYS B 20 7.54 2.30 10.83
N GLU B 21 7.74 0.98 10.92
CA GLU B 21 8.99 0.36 10.50
C GLU B 21 9.24 0.50 8.99
N ILE B 22 8.18 0.73 8.22
CA ILE B 22 8.33 0.88 6.79
C ILE B 22 8.64 2.33 6.48
N ARG B 23 7.86 3.22 7.07
CA ARG B 23 8.14 4.66 7.06
C ARG B 23 9.54 4.89 7.64
N ARG B 24 9.92 4.01 8.55
CA ARG B 24 11.24 4.03 9.16
C ARG B 24 12.32 3.79 8.12
N THR B 25 12.20 2.72 7.32
CA THR B 25 13.12 2.50 6.21
C THR B 25 12.99 3.62 5.17
N LEU B 26 11.79 4.18 5.09
CA LEU B 26 11.53 5.32 4.21
C LEU B 26 12.29 6.56 4.67
N ARG B 27 12.75 6.56 5.94
CA ARG B 27 13.39 7.71 6.56
C ARG B 27 12.40 8.86 6.77
N ILE B 28 11.12 8.54 6.67
CA ILE B 28 10.06 9.54 6.76
C ILE B 28 9.32 9.38 8.09
N ARG B 29 8.10 9.91 8.17
CA ARG B 29 7.32 9.88 9.40
C ARG B 29 5.83 10.06 9.10
N GLU B 30 5.07 10.57 10.07
CA GLU B 30 3.64 10.80 9.90
C GLU B 30 3.36 11.96 8.96
N GLY B 31 4.13 12.01 7.89
CA GLY B 31 3.94 12.99 6.86
C GLY B 31 4.51 12.50 5.54
N ASP B 32 4.43 11.21 5.31
CA ASP B 32 4.87 10.61 4.05
C ASP B 32 3.71 10.51 3.06
N PRO B 33 3.88 11.09 1.88
CA PRO B 33 2.89 11.09 0.83
C PRO B 33 2.97 9.88 -0.08
N LEU B 34 2.51 8.75 0.35
CA LEU B 34 2.60 7.62 -0.53
C LEU B 34 1.60 7.75 -1.67
N GLU B 35 1.99 7.19 -2.79
CA GLU B 35 1.17 7.22 -3.98
C GLU B 35 0.56 5.87 -4.14
N ILE B 36 -0.75 5.78 -3.95
CA ILE B 36 -1.46 4.53 -4.04
C ILE B 36 -1.84 4.27 -5.48
N PHE B 37 -1.18 3.30 -6.08
CA PHE B 37 -1.51 2.89 -7.43
C PHE B 37 -1.22 1.41 -7.60
N VAL B 38 -2.23 0.67 -7.99
CA VAL B 38 -2.07 -0.76 -8.16
C VAL B 38 -1.40 -1.06 -9.48
N ASP B 39 -0.46 -1.98 -9.41
CA ASP B 39 0.38 -2.32 -10.53
C ASP B 39 -0.41 -3.04 -11.61
N ARG B 40 -1.09 -4.12 -11.24
CA ARG B 40 -1.77 -4.94 -12.21
C ARG B 40 -3.15 -5.42 -11.74
N ASP B 41 -3.17 -6.33 -10.78
CA ASP B 41 -4.41 -6.96 -10.36
C ASP B 41 -4.88 -6.45 -9.01
N GLY B 42 -4.14 -6.80 -7.99
CA GLY B 42 -4.53 -6.46 -6.64
C GLY B 42 -3.35 -6.07 -5.80
N GLU B 43 -2.24 -5.84 -6.45
CA GLU B 43 -1.05 -5.35 -5.78
C GLU B 43 -1.02 -3.84 -5.86
N VAL B 44 -1.33 -3.19 -4.75
CA VAL B 44 -1.32 -1.74 -4.70
C VAL B 44 0.07 -1.25 -4.35
N ILE B 45 0.56 -0.30 -5.09
CA ILE B 45 1.89 0.21 -4.89
C ILE B 45 1.78 1.60 -4.30
N LEU B 46 2.31 1.78 -3.09
CA LEU B 46 2.30 3.06 -2.41
C LEU B 46 3.71 3.63 -2.36
N LYS B 47 3.94 4.77 -2.98
CA LYS B 47 5.29 5.32 -2.99
C LYS B 47 5.32 6.80 -2.57
N LYS B 48 6.38 7.15 -1.83
CA LYS B 48 6.56 8.44 -1.09
C LYS B 48 6.15 9.75 -1.79
N TYR B 49 5.86 9.69 -3.09
CA TYR B 49 5.35 10.84 -3.88
C TYR B 49 6.37 11.96 -4.09
N SER B 50 6.96 12.43 -3.00
CA SER B 50 7.85 13.59 -3.03
C SER B 50 8.94 13.43 -4.10
N PRO B 51 9.75 12.34 -4.03
CA PRO B 51 10.66 12.00 -5.12
C PRO B 51 9.97 11.18 -6.18
N ILE B 52 8.66 11.09 -6.04
CA ILE B 52 7.84 10.21 -6.86
C ILE B 52 8.44 8.81 -6.82
N SER B 53 8.45 8.16 -7.95
CA SER B 53 9.14 6.91 -8.06
C SER B 53 10.42 7.11 -8.88
N GLU B 54 11.56 6.81 -8.28
CA GLU B 54 12.89 7.01 -8.88
C GLU B 54 13.28 8.48 -8.93
N LEU B 55 12.48 9.28 -9.66
CA LEU B 55 12.78 10.67 -9.94
C LEU B 55 14.03 10.75 -10.82
N MET A 1 -8.68 -2.59 -14.79
CA MET A 1 -7.53 -1.70 -15.06
C MET A 1 -6.89 -1.27 -13.77
N LYS A 2 -5.59 -1.01 -13.81
CA LYS A 2 -4.84 -0.70 -12.60
C LYS A 2 -4.11 0.65 -12.75
N ALA A 3 -3.24 0.96 -11.77
CA ALA A 3 -2.56 2.26 -11.68
C ALA A 3 -3.56 3.39 -11.44
N THR A 4 -3.45 3.98 -10.27
CA THR A 4 -4.43 4.98 -9.86
C THR A 4 -3.75 6.28 -9.45
N GLY A 5 -2.58 6.18 -8.84
CA GLY A 5 -1.80 7.36 -8.53
C GLY A 5 -2.48 8.28 -7.55
N ILE A 6 -3.05 7.72 -6.49
CA ILE A 6 -3.70 8.52 -5.46
C ILE A 6 -2.78 8.60 -4.23
N VAL A 7 -2.17 9.76 -4.05
CA VAL A 7 -1.28 9.96 -2.94
C VAL A 7 -2.09 10.14 -1.65
N ARG A 8 -1.68 9.42 -0.63
CA ARG A 8 -2.27 9.49 0.68
C ARG A 8 -1.14 9.72 1.65
N ARG A 9 -1.14 10.86 2.30
CA ARG A 9 -0.16 11.11 3.32
C ARG A 9 -0.60 10.38 4.56
N ILE A 10 0.04 9.21 4.79
CA ILE A 10 -0.28 8.27 5.88
C ILE A 10 -1.32 8.81 6.87
N ASP A 11 -0.85 9.25 8.05
CA ASP A 11 -1.70 9.87 9.05
C ASP A 11 -0.94 9.90 10.35
N ASP A 12 -1.64 10.03 11.46
CA ASP A 12 -1.00 10.09 12.77
C ASP A 12 -0.52 8.71 13.21
N LEU A 13 -1.05 7.67 12.57
CA LEU A 13 -0.68 6.30 12.87
C LEU A 13 0.28 5.74 11.81
N GLY A 14 -0.15 5.71 10.55
CA GLY A 14 0.69 5.18 9.50
C GLY A 14 -0.07 4.32 8.51
N ARG A 15 -1.40 4.43 8.46
CA ARG A 15 -2.15 3.68 7.46
C ARG A 15 -2.10 4.39 6.15
N VAL A 16 -2.33 3.62 5.12
CA VAL A 16 -2.63 4.21 3.87
C VAL A 16 -4.09 3.96 3.61
N VAL A 17 -4.85 5.03 3.67
CA VAL A 17 -6.27 4.92 3.54
C VAL A 17 -6.61 4.59 2.09
N ILE A 18 -6.77 3.30 1.82
CA ILE A 18 -7.11 2.85 0.50
C ILE A 18 -8.61 2.96 0.27
N PRO A 19 -9.01 3.90 -0.58
CA PRO A 19 -10.40 4.06 -0.98
C PRO A 19 -11.03 2.76 -1.45
N LYS A 20 -12.32 2.65 -1.28
CA LYS A 20 -13.02 1.44 -1.62
C LYS A 20 -12.92 1.13 -3.11
N GLU A 21 -12.72 2.16 -3.95
CA GLU A 21 -12.65 1.96 -5.40
C GLU A 21 -11.59 0.93 -5.81
N ILE A 22 -10.56 0.74 -4.99
CA ILE A 22 -9.49 -0.17 -5.36
C ILE A 22 -9.86 -1.57 -4.90
N ARG A 23 -10.31 -1.66 -3.65
CA ARG A 23 -10.83 -2.89 -3.06
C ARG A 23 -12.05 -3.37 -3.85
N ARG A 24 -12.76 -2.40 -4.39
CA ARG A 24 -13.89 -2.61 -5.26
C ARG A 24 -13.47 -3.31 -6.54
N THR A 25 -12.47 -2.78 -7.23
CA THR A 25 -11.93 -3.43 -8.41
C THR A 25 -11.30 -4.77 -8.05
N LEU A 26 -10.82 -4.86 -6.82
CA LEU A 26 -10.28 -6.10 -6.27
C LEU A 26 -11.36 -7.17 -6.14
N ARG A 27 -12.62 -6.74 -6.17
CA ARG A 27 -13.78 -7.61 -5.94
C ARG A 27 -13.85 -8.03 -4.48
N ILE A 28 -13.19 -7.26 -3.62
CA ILE A 28 -13.10 -7.58 -2.22
C ILE A 28 -13.79 -6.48 -1.40
N ARG A 29 -13.56 -6.47 -0.10
CA ARG A 29 -14.26 -5.57 0.81
C ARG A 29 -13.43 -5.31 2.05
N GLU A 30 -14.10 -4.95 3.14
CA GLU A 30 -13.43 -4.67 4.41
C GLU A 30 -12.98 -5.95 5.10
N GLY A 31 -12.40 -6.82 4.28
CA GLY A 31 -11.83 -8.05 4.74
C GLY A 31 -10.75 -8.52 3.78
N ASP A 32 -10.23 -7.59 2.97
CA ASP A 32 -9.14 -7.88 2.04
C ASP A 32 -7.82 -7.88 2.79
N PRO A 33 -7.13 -9.01 2.75
CA PRO A 33 -5.91 -9.23 3.49
C PRO A 33 -4.65 -8.82 2.76
N LEU A 34 -4.53 -7.60 2.33
CA LEU A 34 -3.40 -7.25 1.50
C LEU A 34 -2.07 -7.50 2.22
N GLU A 35 -1.07 -7.71 1.40
CA GLU A 35 0.27 -8.05 1.86
C GLU A 35 1.15 -6.87 1.64
N ILE A 36 1.60 -6.27 2.72
CA ILE A 36 2.45 -5.10 2.65
C ILE A 36 3.89 -5.54 2.44
N PHE A 37 4.43 -5.26 1.27
CA PHE A 37 5.83 -5.51 1.03
C PHE A 37 6.36 -4.53 -0.01
N VAL A 38 7.41 -3.83 0.33
CA VAL A 38 7.97 -2.81 -0.55
C VAL A 38 8.84 -3.46 -1.63
N ASP A 39 8.70 -2.94 -2.86
CA ASP A 39 9.38 -3.54 -4.01
C ASP A 39 10.80 -3.04 -4.15
N ARG A 40 10.96 -1.73 -4.09
CA ARG A 40 12.21 -1.10 -4.50
C ARG A 40 12.67 -0.03 -3.52
N ASP A 41 12.36 1.22 -3.80
CA ASP A 41 12.82 2.33 -2.97
C ASP A 41 11.87 2.53 -1.80
N GLY A 42 10.73 3.10 -2.10
CA GLY A 42 9.75 3.39 -1.08
C GLY A 42 8.37 3.06 -1.56
N GLU A 43 8.30 2.12 -2.48
CA GLU A 43 7.03 1.67 -3.02
C GLU A 43 6.59 0.44 -2.27
N VAL A 44 5.55 0.60 -1.47
CA VAL A 44 5.01 -0.52 -0.73
C VAL A 44 3.95 -1.19 -1.58
N ILE A 45 4.04 -2.49 -1.67
CA ILE A 45 3.15 -3.26 -2.49
C ILE A 45 2.24 -4.07 -1.60
N LEU A 46 0.95 -3.79 -1.65
CA LEU A 46 -0.03 -4.48 -0.85
C LEU A 46 -0.89 -5.36 -1.74
N LYS A 47 -0.87 -6.67 -1.54
CA LYS A 47 -1.75 -7.51 -2.35
C LYS A 47 -2.54 -8.50 -1.51
N LYS A 48 -3.77 -8.70 -1.97
CA LYS A 48 -4.81 -9.58 -1.40
C LYS A 48 -4.41 -10.72 -0.44
N TYR A 49 -3.19 -11.25 -0.51
CA TYR A 49 -2.74 -12.36 0.36
C TYR A 49 -3.39 -13.69 -0.02
N SER A 50 -4.65 -13.65 -0.38
CA SER A 50 -5.39 -14.84 -0.72
C SER A 50 -4.63 -15.67 -1.77
N PRO A 51 -4.22 -15.07 -2.92
CA PRO A 51 -3.27 -15.69 -3.83
C PRO A 51 -1.82 -15.30 -3.52
N ILE A 52 -1.67 -14.60 -2.38
CA ILE A 52 -0.38 -14.12 -1.88
C ILE A 52 0.43 -13.42 -2.98
N SER A 53 1.74 -13.48 -2.85
CA SER A 53 2.64 -12.97 -3.86
C SER A 53 2.88 -14.04 -4.93
N GLU A 54 1.77 -14.63 -5.38
CA GLU A 54 1.78 -15.73 -6.34
C GLU A 54 2.24 -17.02 -5.67
N LEU A 55 1.36 -18.01 -5.62
CA LEU A 55 1.70 -19.30 -5.06
C LEU A 55 2.79 -19.97 -5.89
N MET B 1 16.83 -2.36 3.45
CA MET B 1 16.31 -3.53 2.68
C MET B 1 14.83 -3.33 2.40
N LYS B 2 14.24 -4.21 1.61
CA LYS B 2 12.83 -4.10 1.27
C LYS B 2 12.17 -5.49 1.23
N ALA B 3 10.91 -5.54 0.79
CA ALA B 3 10.09 -6.77 0.81
C ALA B 3 9.90 -7.27 2.24
N THR B 4 8.70 -7.08 2.75
CA THR B 4 8.42 -7.41 4.13
C THR B 4 7.40 -8.53 4.26
N GLY B 5 6.40 -8.50 3.40
CA GLY B 5 5.40 -9.54 3.38
C GLY B 5 4.54 -9.55 4.63
N ILE B 6 4.08 -8.38 5.05
CA ILE B 6 3.21 -8.27 6.21
C ILE B 6 1.78 -8.04 5.76
N VAL B 7 0.98 -9.08 5.86
CA VAL B 7 -0.41 -9.03 5.46
C VAL B 7 -1.23 -8.26 6.49
N ARG B 8 -2.03 -7.33 5.99
CA ARG B 8 -2.91 -6.53 6.78
C ARG B 8 -4.29 -6.63 6.17
N ARG B 9 -5.23 -7.18 6.89
CA ARG B 9 -6.59 -7.17 6.42
C ARG B 9 -7.15 -5.81 6.68
N ILE B 10 -7.23 -5.01 5.61
CA ILE B 10 -7.64 -3.58 5.63
C ILE B 10 -8.19 -3.12 6.97
N ASP B 11 -9.53 -3.05 7.09
CA ASP B 11 -10.21 -2.71 8.32
C ASP B 11 -11.64 -2.34 8.00
N ASP B 12 -12.30 -1.65 8.91
CA ASP B 12 -13.70 -1.28 8.74
C ASP B 12 -13.83 -0.15 7.73
N LEU B 13 -12.70 0.49 7.43
CA LEU B 13 -12.67 1.59 6.48
C LEU B 13 -12.05 1.14 5.16
N GLY B 14 -10.79 0.71 5.21
CA GLY B 14 -10.08 0.33 4.01
C GLY B 14 -8.65 0.80 4.01
N ARG B 15 -8.15 1.16 5.17
CA ARG B 15 -6.76 1.55 5.30
C ARG B 15 -5.89 0.33 5.36
N VAL B 16 -4.66 0.47 4.94
CA VAL B 16 -3.70 -0.54 5.23
C VAL B 16 -2.74 0.02 6.23
N VAL B 17 -2.80 -0.53 7.42
CA VAL B 17 -2.04 0.00 8.52
C VAL B 17 -0.56 -0.33 8.32
N ILE B 18 0.17 0.64 7.81
CA ILE B 18 1.58 0.48 7.57
C ILE B 18 2.37 0.81 8.82
N PRO B 19 2.99 -0.22 9.41
CA PRO B 19 3.90 -0.05 10.55
C PRO B 19 4.95 1.02 10.29
N LYS B 20 5.30 1.72 11.34
CA LYS B 20 6.30 2.77 11.25
C LYS B 20 7.66 2.22 10.81
N GLU B 21 7.84 0.91 10.88
CA GLU B 21 9.10 0.29 10.50
C GLU B 21 9.41 0.47 9.00
N ILE B 22 8.37 0.65 8.19
CA ILE B 22 8.60 0.78 6.76
C ILE B 22 8.82 2.25 6.46
N ARG B 23 7.97 3.08 7.06
CA ARG B 23 8.11 4.54 7.00
C ARG B 23 9.45 4.95 7.59
N ARG B 24 9.90 4.17 8.53
CA ARG B 24 11.18 4.37 9.18
C ARG B 24 12.31 4.10 8.20
N THR B 25 12.28 2.96 7.51
CA THR B 25 13.28 2.67 6.50
C THR B 25 13.16 3.66 5.33
N LEU B 26 11.96 4.19 5.16
CA LEU B 26 11.69 5.26 4.20
C LEU B 26 12.42 6.54 4.61
N ARG B 27 12.84 6.60 5.88
CA ARG B 27 13.42 7.80 6.46
C ARG B 27 12.38 8.91 6.54
N ILE B 28 11.12 8.51 6.62
CA ILE B 28 10.00 9.44 6.68
C ILE B 28 9.22 9.23 7.99
N ARG B 29 8.04 9.81 8.09
CA ARG B 29 7.24 9.76 9.31
C ARG B 29 5.76 9.91 9.01
N GLU B 30 5.01 10.37 10.00
CA GLU B 30 3.57 10.55 9.87
C GLU B 30 3.21 11.76 9.00
N GLY B 31 4.00 11.90 7.94
CA GLY B 31 3.74 12.89 6.92
C GLY B 31 4.30 12.42 5.59
N ASP B 32 4.37 11.11 5.44
CA ASP B 32 4.82 10.49 4.19
C ASP B 32 3.66 10.42 3.21
N PRO B 33 3.84 11.05 2.05
CA PRO B 33 2.83 11.12 1.01
C PRO B 33 2.85 9.95 0.07
N LEU B 34 2.44 8.81 0.48
CA LEU B 34 2.55 7.69 -0.42
C LEU B 34 1.54 7.80 -1.55
N GLU B 35 1.92 7.21 -2.66
CA GLU B 35 1.12 7.25 -3.87
C GLU B 35 0.56 5.88 -4.09
N ILE B 36 -0.75 5.78 -3.99
CA ILE B 36 -1.45 4.53 -4.09
C ILE B 36 -1.79 4.24 -5.54
N PHE B 37 -1.14 3.26 -6.11
CA PHE B 37 -1.45 2.81 -7.46
C PHE B 37 -1.13 1.33 -7.59
N VAL B 38 -2.07 0.57 -8.09
CA VAL B 38 -1.87 -0.87 -8.23
C VAL B 38 -1.06 -1.16 -9.48
N ASP B 39 -0.18 -2.14 -9.38
CA ASP B 39 0.75 -2.48 -10.46
C ASP B 39 0.14 -3.46 -11.44
N ARG B 40 -0.47 -4.52 -10.93
CA ARG B 40 -1.00 -5.56 -11.78
C ARG B 40 -2.38 -6.04 -11.33
N ASP B 41 -2.43 -7.17 -10.65
CA ASP B 41 -3.70 -7.78 -10.28
C ASP B 41 -4.33 -7.04 -9.11
N GLY B 42 -3.78 -7.27 -7.93
CA GLY B 42 -4.31 -6.65 -6.74
C GLY B 42 -3.22 -6.13 -5.85
N GLU B 43 -2.09 -5.83 -6.47
CA GLU B 43 -0.95 -5.29 -5.73
C GLU B 43 -0.98 -3.79 -5.80
N VAL B 44 -1.28 -3.16 -4.67
CA VAL B 44 -1.28 -1.71 -4.62
C VAL B 44 0.11 -1.22 -4.23
N ILE B 45 0.61 -0.27 -4.98
CA ILE B 45 1.94 0.26 -4.78
C ILE B 45 1.81 1.66 -4.22
N LEU B 46 2.34 1.85 -3.02
CA LEU B 46 2.32 3.15 -2.37
C LEU B 46 3.75 3.70 -2.31
N LYS B 47 4.01 4.84 -2.92
CA LYS B 47 5.35 5.42 -2.83
C LYS B 47 5.32 6.89 -2.42
N LYS B 48 6.35 7.28 -1.69
CA LYS B 48 6.46 8.57 -0.95
C LYS B 48 6.03 9.87 -1.69
N TYR B 49 5.69 9.80 -2.98
CA TYR B 49 5.20 10.96 -3.74
C TYR B 49 6.25 12.05 -3.97
N SER B 50 7.10 12.25 -2.97
CA SER B 50 8.12 13.28 -3.01
C SER B 50 8.98 13.15 -4.28
N PRO B 51 9.48 11.94 -4.63
CA PRO B 51 10.03 11.66 -5.95
C PRO B 51 8.99 11.05 -6.88
N ILE B 52 7.76 10.99 -6.40
CA ILE B 52 6.63 10.39 -7.10
C ILE B 52 7.00 9.01 -7.65
N SER B 53 6.44 8.65 -8.79
CA SER B 53 6.78 7.40 -9.43
C SER B 53 8.04 7.58 -10.28
N GLU B 54 8.95 8.40 -9.76
CA GLU B 54 10.16 8.87 -10.46
C GLU B 54 9.79 9.94 -11.48
N LEU B 55 10.34 11.13 -11.30
CA LEU B 55 10.08 12.26 -12.20
C LEU B 55 10.54 11.93 -13.61
N MET A 1 -8.10 0.59 -14.74
CA MET A 1 -8.29 -0.09 -13.45
C MET A 1 -7.10 0.12 -12.52
N LYS A 2 -5.90 -0.22 -12.98
CA LYS A 2 -4.72 -0.05 -12.15
C LYS A 2 -4.00 1.26 -12.44
N ALA A 3 -2.96 1.54 -11.65
CA ALA A 3 -2.29 2.83 -11.62
C ALA A 3 -3.29 3.95 -11.31
N THR A 4 -3.55 4.11 -10.03
CA THR A 4 -4.54 5.07 -9.58
C THR A 4 -3.90 6.42 -9.22
N GLY A 5 -2.70 6.35 -8.66
CA GLY A 5 -1.96 7.57 -8.36
C GLY A 5 -2.69 8.46 -7.36
N ILE A 6 -3.14 7.88 -6.27
CA ILE A 6 -3.76 8.63 -5.20
C ILE A 6 -2.83 8.68 -4.01
N VAL A 7 -2.30 9.86 -3.72
CA VAL A 7 -1.37 10.01 -2.62
C VAL A 7 -2.11 10.15 -1.29
N ARG A 8 -1.63 9.42 -0.30
CA ARG A 8 -2.18 9.37 1.03
C ARG A 8 -1.05 9.69 1.99
N ARG A 9 -1.07 10.85 2.60
CA ARG A 9 -0.07 11.17 3.59
C ARG A 9 -0.46 10.48 4.88
N ILE A 10 0.22 9.36 5.14
CA ILE A 10 0.00 8.50 6.32
C ILE A 10 -0.91 9.10 7.40
N ASP A 11 -0.33 9.48 8.54
CA ASP A 11 -1.06 10.12 9.64
C ASP A 11 -0.25 9.91 10.90
N ASP A 12 -0.82 10.19 12.05
CA ASP A 12 -0.09 10.05 13.31
C ASP A 12 0.22 8.59 13.61
N LEU A 13 -0.55 7.69 13.02
CA LEU A 13 -0.33 6.27 13.17
C LEU A 13 0.49 5.74 12.01
N GLY A 14 -0.03 5.88 10.79
CA GLY A 14 0.71 5.44 9.63
C GLY A 14 -0.09 4.60 8.66
N ARG A 15 -1.41 4.68 8.68
CA ARG A 15 -2.19 3.88 7.74
C ARG A 15 -2.20 4.51 6.37
N VAL A 16 -2.39 3.68 5.39
CA VAL A 16 -2.65 4.13 4.06
C VAL A 16 -4.08 3.77 3.73
N VAL A 17 -4.93 4.77 3.81
CA VAL A 17 -6.34 4.56 3.62
C VAL A 17 -6.62 4.20 2.17
N ILE A 18 -6.93 2.93 1.94
CA ILE A 18 -7.18 2.42 0.61
C ILE A 18 -8.65 2.54 0.26
N PRO A 19 -8.98 3.46 -0.66
CA PRO A 19 -10.32 3.61 -1.20
C PRO A 19 -10.89 2.29 -1.68
N LYS A 20 -12.15 2.09 -1.37
CA LYS A 20 -12.86 0.89 -1.76
C LYS A 20 -12.86 0.68 -3.27
N GLU A 21 -12.50 1.71 -4.04
CA GLU A 21 -12.50 1.59 -5.50
C GLU A 21 -11.45 0.60 -6.00
N ILE A 22 -10.39 0.40 -5.22
CA ILE A 22 -9.33 -0.50 -5.67
C ILE A 22 -9.69 -1.90 -5.20
N ARG A 23 -10.16 -1.97 -3.97
CA ARG A 23 -10.73 -3.19 -3.39
C ARG A 23 -11.90 -3.64 -4.24
N ARG A 24 -12.57 -2.66 -4.82
CA ARG A 24 -13.64 -2.88 -5.77
C ARG A 24 -13.13 -3.64 -6.99
N THR A 25 -12.07 -3.15 -7.61
CA THR A 25 -11.44 -3.87 -8.72
C THR A 25 -10.83 -5.19 -8.24
N LEU A 26 -10.45 -5.22 -6.96
CA LEU A 26 -9.97 -6.44 -6.32
C LEU A 26 -11.09 -7.48 -6.25
N ARG A 27 -12.33 -7.02 -6.36
CA ARG A 27 -13.53 -7.86 -6.24
C ARG A 27 -13.70 -8.29 -4.79
N ILE A 28 -13.04 -7.56 -3.91
CA ILE A 28 -13.05 -7.85 -2.49
C ILE A 28 -13.75 -6.70 -1.76
N ARG A 29 -13.64 -6.65 -0.44
CA ARG A 29 -14.37 -5.69 0.35
C ARG A 29 -13.67 -5.44 1.67
N GLU A 30 -14.42 -5.13 2.72
CA GLU A 30 -13.86 -4.89 4.03
C GLU A 30 -13.39 -6.18 4.70
N GLY A 31 -12.78 -7.02 3.89
CA GLY A 31 -12.12 -8.21 4.38
C GLY A 31 -11.04 -8.65 3.42
N ASP A 32 -10.41 -7.67 2.77
CA ASP A 32 -9.28 -7.91 1.88
C ASP A 32 -7.98 -7.84 2.67
N PRO A 33 -7.27 -8.96 2.73
CA PRO A 33 -6.04 -9.09 3.49
C PRO A 33 -4.81 -8.69 2.72
N LEU A 34 -4.69 -7.47 2.33
CA LEU A 34 -3.55 -7.11 1.52
C LEU A 34 -2.23 -7.30 2.27
N GLU A 35 -1.21 -7.52 1.49
CA GLU A 35 0.11 -7.86 2.00
C GLU A 35 1.04 -6.72 1.74
N ILE A 36 1.56 -6.15 2.80
CA ILE A 36 2.45 -5.02 2.73
C ILE A 36 3.87 -5.51 2.50
N PHE A 37 4.40 -5.24 1.33
CA PHE A 37 5.79 -5.52 1.06
C PHE A 37 6.32 -4.53 0.05
N VAL A 38 7.37 -3.83 0.41
CA VAL A 38 7.97 -2.84 -0.48
C VAL A 38 8.84 -3.52 -1.52
N ASP A 39 8.72 -3.06 -2.74
CA ASP A 39 9.38 -3.70 -3.88
C ASP A 39 10.78 -3.16 -4.09
N ARG A 40 10.88 -1.85 -4.04
CA ARG A 40 12.03 -1.16 -4.58
C ARG A 40 12.64 -0.20 -3.57
N ASP A 41 12.18 1.04 -3.60
CA ASP A 41 12.74 2.08 -2.74
C ASP A 41 11.74 2.52 -1.69
N GLY A 42 10.67 3.15 -2.15
CA GLY A 42 9.68 3.64 -1.23
C GLY A 42 8.30 3.23 -1.63
N GLU A 43 8.23 2.28 -2.55
CA GLU A 43 6.96 1.81 -3.05
C GLU A 43 6.58 0.54 -2.31
N VAL A 44 5.54 0.66 -1.50
CA VAL A 44 5.03 -0.48 -0.75
C VAL A 44 3.95 -1.15 -1.57
N ILE A 45 4.02 -2.46 -1.63
CA ILE A 45 3.12 -3.22 -2.44
C ILE A 45 2.19 -4.01 -1.54
N LEU A 46 0.92 -3.72 -1.60
CA LEU A 46 -0.09 -4.41 -0.79
C LEU A 46 -0.93 -5.31 -1.67
N LYS A 47 -0.93 -6.62 -1.43
CA LYS A 47 -1.76 -7.50 -2.26
C LYS A 47 -2.62 -8.44 -1.43
N LYS A 48 -3.77 -8.76 -1.99
CA LYS A 48 -4.89 -9.52 -1.39
C LYS A 48 -4.54 -10.68 -0.43
N TYR A 49 -3.32 -11.20 -0.50
CA TYR A 49 -2.84 -12.28 0.40
C TYR A 49 -3.42 -13.64 0.04
N SER A 50 -4.75 -13.73 -0.03
CA SER A 50 -5.44 -14.99 -0.22
C SER A 50 -4.88 -15.75 -1.44
N PRO A 51 -4.82 -15.12 -2.63
CA PRO A 51 -4.11 -15.69 -3.77
C PRO A 51 -2.67 -15.20 -3.84
N ILE A 52 -2.21 -14.62 -2.73
CA ILE A 52 -0.88 -14.03 -2.65
C ILE A 52 -0.64 -13.10 -3.82
N SER A 53 0.59 -13.02 -4.31
CA SER A 53 0.89 -12.17 -5.45
C SER A 53 0.57 -12.89 -6.75
N GLU A 54 -0.72 -13.08 -7.02
CA GLU A 54 -1.19 -13.71 -8.25
C GLU A 54 -0.72 -15.16 -8.32
N LEU A 55 -0.35 -15.71 -7.16
CA LEU A 55 0.14 -17.09 -7.05
C LEU A 55 1.36 -17.33 -7.93
N MET B 1 15.96 -4.42 3.06
CA MET B 1 14.91 -3.89 3.98
C MET B 1 13.56 -3.83 3.28
N LYS B 2 13.42 -4.55 2.18
CA LYS B 2 12.16 -4.58 1.45
C LYS B 2 11.56 -5.98 1.50
N ALA B 3 10.42 -6.15 0.83
CA ALA B 3 9.65 -7.40 0.86
C ALA B 3 9.39 -7.83 2.29
N THR B 4 8.45 -7.16 2.92
CA THR B 4 8.17 -7.37 4.32
C THR B 4 7.11 -8.43 4.56
N GLY B 5 6.20 -8.56 3.59
CA GLY B 5 5.20 -9.60 3.63
C GLY B 5 4.34 -9.55 4.88
N ILE B 6 3.86 -8.37 5.22
CA ILE B 6 2.97 -8.20 6.35
C ILE B 6 1.56 -7.93 5.87
N VAL B 7 0.69 -8.90 6.05
CA VAL B 7 -0.68 -8.80 5.59
C VAL B 7 -1.52 -7.99 6.57
N ARG B 8 -2.33 -7.08 6.02
CA ARG B 8 -3.22 -6.23 6.79
C ARG B 8 -4.61 -6.37 6.19
N ARG B 9 -5.53 -6.97 6.93
CA ARG B 9 -6.90 -7.02 6.48
C ARG B 9 -7.55 -5.69 6.74
N ILE B 10 -7.71 -4.94 5.64
CA ILE B 10 -8.26 -3.58 5.63
C ILE B 10 -8.99 -3.18 6.92
N ASP B 11 -10.33 -3.17 6.88
CA ASP B 11 -11.18 -2.93 8.04
C ASP B 11 -12.52 -2.48 7.50
N ASP B 12 -13.33 -1.84 8.32
CA ASP B 12 -14.66 -1.42 7.87
C ASP B 12 -14.55 -0.17 7.00
N LEU B 13 -13.40 0.49 7.09
CA LEU B 13 -13.12 1.66 6.28
C LEU B 13 -12.32 1.27 5.04
N GLY B 14 -11.12 0.72 5.25
CA GLY B 14 -10.30 0.31 4.13
C GLY B 14 -8.85 0.74 4.28
N ARG B 15 -8.42 0.97 5.51
CA ARG B 15 -7.04 1.39 5.75
C ARG B 15 -6.08 0.23 5.65
N VAL B 16 -4.89 0.53 5.17
CA VAL B 16 -3.80 -0.41 5.25
C VAL B 16 -2.77 0.16 6.20
N VAL B 17 -2.79 -0.32 7.42
CA VAL B 17 -1.94 0.23 8.46
C VAL B 17 -0.48 -0.05 8.14
N ILE B 18 0.22 0.99 7.73
CA ILE B 18 1.62 0.90 7.39
C ILE B 18 2.48 1.14 8.62
N PRO B 19 3.11 0.08 9.12
CA PRO B 19 4.05 0.19 10.23
C PRO B 19 5.14 1.23 9.96
N LYS B 20 5.54 1.91 11.00
CA LYS B 20 6.56 2.93 10.90
C LYS B 20 7.90 2.34 10.50
N GLU B 21 8.03 1.02 10.57
CA GLU B 21 9.28 0.35 10.21
C GLU B 21 9.60 0.49 8.71
N ILE B 22 8.59 0.66 7.87
CA ILE B 22 8.84 0.78 6.43
C ILE B 22 9.11 2.25 6.12
N ARG B 23 8.28 3.11 6.74
CA ARG B 23 8.48 4.55 6.73
C ARG B 23 9.85 4.87 7.30
N ARG B 24 10.27 4.01 8.21
CA ARG B 24 11.59 4.06 8.81
C ARG B 24 12.67 3.87 7.75
N THR B 25 12.58 2.80 6.96
CA THR B 25 13.51 2.60 5.85
C THR B 25 13.36 3.73 4.83
N LEU B 26 12.13 4.23 4.72
CA LEU B 26 11.82 5.36 3.86
C LEU B 26 12.54 6.61 4.33
N ARG B 27 12.95 6.60 5.60
CA ARG B 27 13.61 7.74 6.24
C ARG B 27 12.61 8.89 6.40
N ILE B 28 11.34 8.54 6.40
CA ILE B 28 10.26 9.51 6.52
C ILE B 28 9.56 9.32 7.86
N ARG B 29 8.35 9.83 8.01
CA ARG B 29 7.67 9.81 9.29
C ARG B 29 6.17 9.96 9.09
N GLU B 30 5.49 10.42 10.14
CA GLU B 30 4.06 10.69 10.09
C GLU B 30 3.74 11.89 9.23
N GLY B 31 4.40 11.93 8.09
CA GLY B 31 4.15 12.93 7.08
C GLY B 31 4.70 12.47 5.74
N ASP B 32 4.59 11.17 5.51
CA ASP B 32 4.97 10.56 4.24
C ASP B 32 3.77 10.47 3.31
N PRO B 33 3.88 11.09 2.14
CA PRO B 33 2.83 11.12 1.14
C PRO B 33 2.88 9.94 0.20
N LEU B 34 2.46 8.79 0.63
CA LEU B 34 2.54 7.68 -0.28
C LEU B 34 1.52 7.80 -1.40
N GLU B 35 1.89 7.23 -2.53
CA GLU B 35 1.08 7.28 -3.73
C GLU B 35 0.54 5.91 -3.98
N ILE B 36 -0.77 5.80 -3.88
CA ILE B 36 -1.45 4.54 -4.04
C ILE B 36 -1.78 4.31 -5.50
N PHE B 37 -1.12 3.32 -6.09
CA PHE B 37 -1.45 2.89 -7.42
C PHE B 37 -1.15 1.41 -7.57
N VAL B 38 -2.11 0.66 -8.05
CA VAL B 38 -1.92 -0.77 -8.22
C VAL B 38 -1.16 -1.07 -9.50
N ASP B 39 -0.26 -2.04 -9.42
CA ASP B 39 0.66 -2.35 -10.52
C ASP B 39 0.03 -3.29 -11.53
N ARG B 40 -0.54 -4.38 -11.04
CA ARG B 40 -1.02 -5.43 -11.93
C ARG B 40 -2.41 -5.94 -11.53
N ASP B 41 -2.45 -6.92 -10.63
CA ASP B 41 -3.72 -7.55 -10.25
C ASP B 41 -4.28 -6.92 -9.00
N GLY B 42 -3.72 -7.30 -7.86
CA GLY B 42 -4.21 -6.81 -6.60
C GLY B 42 -3.12 -6.18 -5.76
N GLU B 43 -2.00 -5.90 -6.41
CA GLU B 43 -0.86 -5.33 -5.73
C GLU B 43 -0.93 -3.82 -5.80
N VAL B 44 -1.23 -3.18 -4.68
CA VAL B 44 -1.25 -1.74 -4.63
C VAL B 44 0.11 -1.23 -4.24
N ILE B 45 0.59 -0.24 -4.95
CA ILE B 45 1.91 0.31 -4.71
C ILE B 45 1.77 1.69 -4.13
N LEU B 46 2.30 1.88 -2.94
CA LEU B 46 2.27 3.17 -2.26
C LEU B 46 3.68 3.75 -2.16
N LYS B 47 3.95 4.90 -2.78
CA LYS B 47 5.30 5.48 -2.66
C LYS B 47 5.27 6.96 -2.28
N LYS B 48 6.34 7.39 -1.61
CA LYS B 48 6.45 8.67 -0.90
C LYS B 48 6.03 9.96 -1.66
N TYR B 49 5.68 9.84 -2.94
CA TYR B 49 5.10 10.96 -3.72
C TYR B 49 6.11 12.06 -4.05
N SER B 50 6.76 12.58 -3.02
CA SER B 50 7.65 13.73 -3.15
C SER B 50 8.67 13.51 -4.28
N PRO B 51 9.48 12.42 -4.22
CA PRO B 51 10.33 12.02 -5.35
C PRO B 51 9.61 11.09 -6.31
N ILE B 52 8.28 11.01 -6.13
CA ILE B 52 7.43 10.13 -6.91
C ILE B 52 8.00 8.71 -6.89
N SER B 53 7.87 7.98 -7.99
CA SER B 53 8.40 6.63 -8.06
C SER B 53 9.89 6.64 -8.38
N GLU B 54 10.69 7.21 -7.47
CA GLU B 54 12.14 7.26 -7.64
C GLU B 54 12.50 8.17 -8.82
N LEU B 55 11.56 9.05 -9.18
CA LEU B 55 11.70 9.94 -10.32
C LEU B 55 11.89 9.17 -11.62
#